data_3U4O
#
_entry.id   3U4O
#
_cell.length_a   90.760
_cell.length_b   106.790
_cell.length_c   133.820
_cell.angle_alpha   90.00
_cell.angle_beta   90.00
_cell.angle_gamma   90.00
#
_symmetry.space_group_name_H-M   'P 21 21 21'
#
loop_
_entity.id
_entity.type
_entity.pdbx_description
1 polymer 'RNA-directed RNA polymerase'
2 non-polymer '1-[(2-aminopyridin-4-yl)methyl]-5-chloro-3-(2-oxo-1,2-dihydropyridin-3-yl)-1H-indole-2-carboxylic acid'
3 non-polymer 'PHOSPHATE ION'
4 water water
#
_entity_poly.entity_id   1
_entity_poly.type   'polypeptide(L)'
_entity_poly.pdbx_seq_one_letter_code
;SMSYTWTGALITPCAAEESKLPINPLSNSLLRHHNMVYATTSRSASLRQKKVTFDRLQVLDDHYRDVLKEMKAKASTVKA
KLLSIEEACKLTPPHSAKSKFGYGAKDVRNLSSRAVNHIRSVWEDLLEDTETPIDTTIMAKSEVFCVQPEKGGRKPARLI
VFPDLGVRVCEKMALYDVVSTLPQAVMGSSYGFQYSPKQRVEFLVNTWKSKKCPMGFSYDTRCFDSTVTESDIRVEESIY
QCCDLAPEARQAIRSLTERLYIGGPLTNSKGQNCGYRRCRASGVLTTSCGNTLTCYLKATAACRAAKLQDCTMLVNGDDL
VVICESAGTQEDAAALRAFTEAMTRYSAPPGDPPQPEYDLELITSCSSNVSVAHDASGKRVYYLTRDPTTPLARAAWETA
RHTPINSWLGNIIMYAPTLWARMILMTHFFSILLAQEQLGKALDCQIYGACYSIEPLDLPQIIERLHGLSAFTLHSYSPG
EINRVASCLRKLGVPPLRTWRHRARSVRAKLLSQGGRAAICGRYLFNWAVRTKLKLTPIPAASQLDLSGWFVAGYSGGDI
YHSLSRARPRLEHHHHHH
;
_entity_poly.pdbx_strand_id   A,B
#
loop_
_chem_comp.id
_chem_comp.type
_chem_comp.name
_chem_comp.formula
08E non-polymer '1-[(2-aminopyridin-4-yl)methyl]-5-chloro-3-(2-oxo-1,2-dihydropyridin-3-yl)-1H-indole-2-carboxylic acid' 'C20 H15 Cl N4 O3'
PO4 non-polymer 'PHOSPHATE ION' 'O4 P -3'
#
# COMPACT_ATOMS: atom_id res chain seq x y z
N SER A 1 10.96 -15.79 -18.87
CA SER A 1 11.81 -16.77 -18.17
C SER A 1 11.13 -18.12 -18.13
N MET A 2 11.91 -19.19 -17.91
CA MET A 2 11.37 -20.53 -17.87
C MET A 2 10.64 -20.73 -16.56
N SER A 3 9.43 -21.31 -16.63
CA SER A 3 8.67 -21.58 -15.41
C SER A 3 9.48 -22.49 -14.45
N TYR A 4 10.20 -23.49 -15.01
CA TYR A 4 11.06 -24.40 -14.28
C TYR A 4 12.32 -24.67 -15.06
N THR A 5 13.39 -24.99 -14.32
CA THR A 5 14.62 -25.56 -14.88
C THR A 5 14.83 -26.83 -14.06
N TRP A 6 15.36 -27.89 -14.67
CA TRP A 6 15.52 -29.16 -13.98
C TRP A 6 16.97 -29.62 -14.04
N THR A 7 17.44 -30.28 -12.99
CA THR A 7 18.81 -30.80 -12.94
C THR A 7 18.91 -32.23 -13.57
N GLY A 8 17.80 -32.95 -13.59
CA GLY A 8 17.77 -34.33 -14.04
C GLY A 8 17.45 -35.29 -12.90
N ALA A 9 17.60 -34.84 -11.63
CA ALA A 9 17.23 -35.67 -10.49
C ALA A 9 15.72 -35.92 -10.60
N LEU A 10 15.26 -37.08 -10.18
CA LEU A 10 13.84 -37.42 -10.33
C LEU A 10 12.97 -36.85 -9.24
N ILE A 11 11.67 -36.72 -9.53
CA ILE A 11 10.67 -36.38 -8.52
C ILE A 11 10.38 -37.76 -7.96
N THR A 12 10.75 -37.95 -6.72
CA THR A 12 10.70 -39.23 -6.03
C THR A 12 9.56 -39.38 -5.04
N PRO A 13 9.09 -40.64 -4.78
CA PRO A 13 8.06 -40.83 -3.75
C PRO A 13 8.71 -40.98 -2.36
N CYS A 14 7.96 -40.82 -1.27
CA CYS A 14 8.57 -41.01 0.05
C CYS A 14 8.29 -42.39 0.64
N ALA A 15 7.29 -43.11 0.05
CA ALA A 15 6.88 -44.47 0.41
C ALA A 15 6.27 -45.18 -0.81
N ALA A 16 5.68 -46.37 -0.61
CA ALA A 16 5.05 -47.15 -1.69
C ALA A 16 3.85 -46.39 -2.25
N GLU A 17 3.62 -46.47 -3.57
CA GLU A 17 2.50 -45.74 -4.20
C GLU A 17 1.54 -46.71 -4.87
N GLU A 18 0.24 -46.52 -4.62
CA GLU A 18 -0.82 -47.34 -5.18
C GLU A 18 -1.44 -46.62 -6.38
N SER A 19 -1.53 -47.29 -7.53
CA SER A 19 -2.12 -46.65 -8.70
C SER A 19 -3.47 -47.30 -9.08
N LYS A 20 -3.72 -48.53 -8.64
CA LYS A 20 -4.91 -49.29 -8.98
C LYS A 20 -5.90 -49.33 -7.83
N LEU A 21 -7.18 -49.24 -8.15
CA LEU A 21 -8.22 -49.34 -7.12
C LEU A 21 -8.21 -50.79 -6.61
N PRO A 22 -8.11 -51.01 -5.28
CA PRO A 22 -8.15 -52.38 -4.77
C PRO A 22 -9.48 -53.06 -5.10
N ILE A 23 -9.47 -54.39 -5.11
CA ILE A 23 -10.70 -55.18 -5.32
C ILE A 23 -11.12 -55.50 -3.89
N ASN A 24 -12.08 -54.70 -3.39
CA ASN A 24 -12.52 -54.75 -2.00
C ASN A 24 -14.04 -54.90 -1.97
N PRO A 25 -14.62 -55.69 -1.06
CA PRO A 25 -16.09 -55.91 -1.08
C PRO A 25 -16.92 -54.63 -0.92
N LEU A 26 -16.50 -53.76 -0.01
CA LEU A 26 -17.24 -52.50 0.25
C LEU A 26 -17.18 -51.53 -0.93
N SER A 27 -15.96 -51.33 -1.54
CA SER A 27 -15.90 -50.46 -2.71
C SER A 27 -16.61 -51.07 -3.89
N ASN A 28 -16.54 -52.40 -4.02
CA ASN A 28 -17.21 -53.10 -5.12
C ASN A 28 -18.74 -53.03 -5.02
N SER A 29 -19.31 -52.78 -3.82
CA SER A 29 -20.78 -52.60 -3.67
C SER A 29 -21.18 -51.27 -4.32
N LEU A 30 -20.22 -50.34 -4.42
CA LEU A 30 -20.48 -49.04 -5.01
C LEU A 30 -20.16 -49.01 -6.47
N LEU A 31 -19.00 -49.53 -6.84
CA LEU A 31 -18.49 -49.41 -8.21
C LEU A 31 -17.76 -50.70 -8.57
N ARG A 32 -18.26 -51.41 -9.60
CA ARG A 32 -17.71 -52.70 -10.04
C ARG A 32 -16.59 -52.63 -11.08
N HIS A 33 -16.56 -51.57 -11.92
CA HIS A 33 -15.50 -51.43 -12.95
C HIS A 33 -14.24 -50.83 -12.35
N HIS A 34 -13.62 -51.58 -11.43
CA HIS A 34 -12.44 -51.15 -10.67
C HIS A 34 -11.24 -50.77 -11.55
N ASN A 35 -11.07 -51.44 -12.72
CA ASN A 35 -9.95 -51.12 -13.62
C ASN A 35 -10.02 -49.75 -14.25
N MET A 36 -11.19 -49.09 -14.19
CA MET A 36 -11.35 -47.75 -14.72
C MET A 36 -10.86 -46.67 -13.75
N VAL A 37 -10.64 -47.05 -12.50
CA VAL A 37 -10.28 -46.10 -11.45
C VAL A 37 -8.81 -46.19 -11.15
N TYR A 38 -8.13 -45.04 -11.20
CA TYR A 38 -6.68 -45.05 -10.96
C TYR A 38 -6.29 -43.88 -10.09
N ALA A 39 -5.10 -43.97 -9.49
CA ALA A 39 -4.53 -42.87 -8.73
C ALA A 39 -3.20 -42.48 -9.40
N THR A 40 -2.97 -41.18 -9.53
CA THR A 40 -1.70 -40.68 -10.08
C THR A 40 -0.56 -41.00 -9.10
N THR A 41 0.67 -41.21 -9.62
CA THR A 41 1.83 -41.49 -8.78
C THR A 41 3.02 -40.72 -9.38
N SER A 42 4.16 -40.79 -8.69
CA SER A 42 5.43 -40.20 -9.18
C SER A 42 5.88 -40.83 -10.51
N ARG A 43 5.35 -42.01 -10.88
CA ARG A 43 5.67 -42.65 -12.16
C ARG A 43 5.34 -41.81 -13.40
N SER A 44 4.33 -40.93 -13.30
CA SER A 44 3.99 -40.05 -14.42
C SER A 44 4.53 -38.61 -14.24
N ALA A 45 5.34 -38.36 -13.19
CA ALA A 45 5.84 -36.99 -12.92
C ALA A 45 6.58 -36.34 -14.08
N SER A 46 7.42 -37.12 -14.83
CA SER A 46 8.15 -36.57 -15.98
C SER A 46 7.23 -36.06 -17.08
N LEU A 47 6.06 -36.73 -17.28
CA LEU A 47 5.07 -36.23 -18.24
C LEU A 47 4.55 -34.86 -17.81
N ARG A 48 4.25 -34.69 -16.51
CA ARG A 48 3.76 -33.40 -15.98
C ARG A 48 4.87 -32.35 -16.08
N GLN A 49 6.10 -32.73 -15.76
CA GLN A 49 7.24 -31.80 -15.87
C GLN A 49 7.34 -31.19 -17.24
N LYS A 50 7.16 -32.00 -18.30
CA LYS A 50 7.20 -31.48 -19.67
C LYS A 50 6.10 -30.43 -19.90
N LYS A 51 4.85 -30.72 -19.48
CA LYS A 51 3.72 -29.84 -19.70
C LYS A 51 3.86 -28.50 -18.98
N VAL A 52 4.39 -28.51 -17.74
CA VAL A 52 4.47 -27.30 -16.90
C VAL A 52 5.70 -26.41 -17.16
N THR A 53 6.64 -26.91 -17.96
CA THR A 53 7.91 -26.22 -18.22
C THR A 53 7.87 -25.49 -19.54
N PHE A 54 7.86 -24.15 -19.50
CA PHE A 54 7.81 -23.34 -20.73
C PHE A 54 8.25 -21.92 -20.45
N ASP A 55 8.62 -21.21 -21.51
CA ASP A 55 9.02 -19.82 -21.37
C ASP A 55 7.77 -18.94 -21.33
N ARG A 56 7.75 -17.93 -20.46
CA ARG A 56 6.61 -17.02 -20.40
C ARG A 56 7.02 -15.74 -21.07
N LEU A 57 6.14 -15.21 -21.89
CA LEU A 57 6.29 -13.94 -22.56
C LEU A 57 5.09 -13.13 -22.10
N GLN A 58 5.35 -12.10 -21.31
CA GLN A 58 4.27 -11.28 -20.77
C GLN A 58 4.42 -9.87 -21.24
N VAL A 59 3.32 -9.28 -21.73
CA VAL A 59 3.27 -7.91 -22.18
C VAL A 59 2.10 -7.22 -21.47
N LEU A 60 2.41 -6.20 -20.67
CA LEU A 60 1.39 -5.44 -19.92
C LEU A 60 1.01 -4.18 -20.67
N ASP A 61 -0.20 -3.70 -20.46
CA ASP A 61 -0.68 -2.49 -21.16
C ASP A 61 -1.43 -1.57 -20.22
N ASP A 62 -1.97 -0.46 -20.75
CA ASP A 62 -2.70 0.51 -19.94
C ASP A 62 -3.92 -0.08 -19.23
N HIS A 63 -4.67 -0.97 -19.89
CA HIS A 63 -5.86 -1.57 -19.26
C HIS A 63 -5.39 -2.33 -17.99
N TYR A 64 -4.27 -3.07 -18.09
CA TYR A 64 -3.77 -3.82 -16.94
C TYR A 64 -3.37 -2.88 -15.79
N ARG A 65 -2.62 -1.82 -16.13
CA ARG A 65 -2.18 -0.83 -15.13
C ARG A 65 -3.36 -0.12 -14.46
N ASP A 66 -4.40 0.21 -15.26
CA ASP A 66 -5.61 0.87 -14.73
C ASP A 66 -6.35 -0.01 -13.73
N VAL A 67 -6.56 -1.28 -14.10
CA VAL A 67 -7.25 -2.23 -13.22
C VAL A 67 -6.43 -2.40 -11.93
N LEU A 68 -5.11 -2.56 -12.06
CA LEU A 68 -4.28 -2.74 -10.90
C LEU A 68 -4.43 -1.58 -9.90
N LYS A 69 -4.37 -0.33 -10.39
CA LYS A 69 -4.54 0.84 -9.53
C LYS A 69 -5.92 0.82 -8.84
N GLU A 70 -6.98 0.41 -9.54
CA GLU A 70 -8.31 0.30 -8.94
C GLU A 70 -8.35 -0.75 -7.82
N MET A 71 -7.64 -1.89 -8.04
CA MET A 71 -7.56 -2.99 -7.07
C MET A 71 -6.79 -2.52 -5.83
N LYS A 72 -5.68 -1.81 -6.06
CA LYS A 72 -4.83 -1.29 -4.98
C LYS A 72 -5.60 -0.25 -4.14
N ALA A 73 -6.43 0.60 -4.78
CA ALA A 73 -7.25 1.58 -4.04
C ALA A 73 -8.21 0.85 -3.06
N LYS A 74 -8.76 -0.29 -3.48
CA LYS A 74 -9.62 -1.08 -2.60
C LYS A 74 -8.83 -1.81 -1.52
N ALA A 75 -7.65 -2.34 -1.87
CA ALA A 75 -6.80 -2.99 -0.86
C ALA A 75 -6.37 -2.02 0.23
N SER A 76 -6.23 -0.72 -0.10
N SER A 76 -6.21 -0.73 -0.09
CA SER A 76 -5.79 0.34 0.83
CA SER A 76 -5.76 0.28 0.89
C SER A 76 -6.77 0.53 2.02
C SER A 76 -6.75 0.49 2.05
N THR A 77 -7.97 -0.09 1.98
CA THR A 77 -8.96 0.00 3.07
C THR A 77 -8.74 -1.06 4.11
N VAL A 78 -7.87 -2.04 3.82
CA VAL A 78 -7.71 -3.18 4.70
C VAL A 78 -6.72 -2.93 5.81
N LYS A 79 -7.05 -3.45 7.02
CA LYS A 79 -6.15 -3.50 8.17
C LYS A 79 -6.00 -4.96 8.56
N ALA A 80 -4.78 -5.47 8.43
CA ALA A 80 -4.52 -6.88 8.68
C ALA A 80 -3.71 -7.04 9.96
N LYS A 81 -4.04 -8.10 10.70
CA LYS A 81 -3.42 -8.39 11.97
C LYS A 81 -2.38 -9.46 11.81
N LEU A 82 -1.36 -9.38 12.64
CA LEU A 82 -0.32 -10.37 12.71
C LEU A 82 -0.86 -11.45 13.69
N LEU A 83 -0.83 -12.72 13.27
CA LEU A 83 -1.31 -13.77 14.18
C LEU A 83 -0.20 -14.08 15.17
N SER A 84 -0.59 -14.45 16.41
CA SER A 84 0.39 -14.89 17.39
C SER A 84 0.84 -16.31 16.95
N ILE A 85 1.96 -16.79 17.50
CA ILE A 85 2.45 -18.16 17.24
C ILE A 85 1.34 -19.15 17.62
N GLU A 86 0.67 -18.97 18.79
CA GLU A 86 -0.40 -19.89 19.19
C GLU A 86 -1.55 -19.98 18.19
N GLU A 87 -1.98 -18.82 17.65
CA GLU A 87 -3.04 -18.75 16.64
C GLU A 87 -2.62 -19.48 15.37
N ALA A 88 -1.35 -19.25 14.92
CA ALA A 88 -0.85 -19.90 13.72
C ALA A 88 -0.69 -21.40 13.90
N CYS A 89 -0.26 -21.84 15.11
CA CYS A 89 -0.12 -23.28 15.43
C CYS A 89 -1.46 -23.99 15.39
N LYS A 90 -2.51 -23.31 15.86
CA LYS A 90 -3.86 -23.92 15.90
C LYS A 90 -4.45 -24.08 14.51
N LEU A 91 -3.94 -23.31 13.55
CA LEU A 91 -4.41 -23.43 12.16
C LEU A 91 -3.67 -24.56 11.42
N THR A 92 -2.69 -25.22 12.04
CA THR A 92 -1.95 -26.28 11.35
C THR A 92 -2.74 -27.60 11.39
N PRO A 93 -2.96 -28.24 10.22
CA PRO A 93 -3.63 -29.56 10.23
C PRO A 93 -2.86 -30.61 11.04
N PRO A 94 -3.57 -31.43 11.83
CA PRO A 94 -2.90 -32.47 12.63
C PRO A 94 -1.96 -33.40 11.87
N HIS A 95 -2.21 -33.63 10.56
CA HIS A 95 -1.41 -34.52 9.74
C HIS A 95 -0.55 -33.78 8.72
N SER A 96 -0.32 -32.47 8.94
CA SER A 96 0.52 -31.65 8.07
C SER A 96 1.90 -32.28 8.01
N ALA A 97 2.60 -32.16 6.88
CA ALA A 97 3.91 -32.78 6.72
C ALA A 97 4.90 -32.30 7.81
N LYS A 98 5.58 -33.24 8.48
CA LYS A 98 6.53 -32.89 9.54
C LYS A 98 7.68 -32.01 9.04
N SER A 99 8.31 -31.30 9.98
CA SER A 99 9.47 -30.49 9.62
C SER A 99 10.68 -31.42 9.42
N LYS A 100 11.67 -30.95 8.67
CA LYS A 100 12.91 -31.71 8.54
C LYS A 100 13.78 -31.43 9.79
N PHE A 101 13.34 -30.51 10.65
CA PHE A 101 14.09 -30.08 11.83
C PHE A 101 13.67 -30.70 13.16
N GLY A 102 13.21 -31.95 13.11
CA GLY A 102 12.92 -32.74 14.31
C GLY A 102 11.63 -32.57 15.06
N TYR A 103 10.59 -32.03 14.41
CA TYR A 103 9.28 -31.89 15.06
C TYR A 103 8.20 -32.03 13.94
N GLY A 104 7.00 -32.34 14.36
CA GLY A 104 5.88 -32.53 13.43
C GLY A 104 4.68 -31.70 13.78
N ALA A 105 3.59 -31.92 13.04
CA ALA A 105 2.35 -31.16 13.22
C ALA A 105 1.73 -31.31 14.61
N LYS A 106 1.81 -32.52 15.22
CA LYS A 106 1.30 -32.68 16.58
C LYS A 106 2.09 -31.78 17.56
N ASP A 107 3.40 -31.67 17.37
CA ASP A 107 4.28 -30.83 18.22
C ASP A 107 3.91 -29.36 18.05
N VAL A 108 3.66 -28.93 16.81
CA VAL A 108 3.21 -27.56 16.52
C VAL A 108 1.87 -27.28 17.23
N ARG A 109 0.88 -28.16 17.06
CA ARG A 109 -0.44 -28.00 17.66
C ARG A 109 -0.40 -27.98 19.19
N ASN A 110 0.52 -28.75 19.78
CA ASN A 110 0.68 -28.81 21.25
C ASN A 110 1.57 -27.72 21.80
N LEU A 111 2.10 -26.83 20.91
CA LEU A 111 3.03 -25.75 21.28
C LEU A 111 4.25 -26.32 22.01
N SER A 112 4.78 -27.46 21.53
CA SER A 112 5.98 -28.07 22.12
C SER A 112 7.15 -27.07 22.08
N SER A 113 8.02 -27.11 23.09
CA SER A 113 9.15 -26.19 23.12
C SER A 113 10.01 -26.24 21.85
N ARG A 114 10.30 -27.45 21.31
CA ARG A 114 11.12 -27.58 20.11
C ARG A 114 10.41 -26.91 18.91
N ALA A 115 9.11 -27.17 18.74
CA ALA A 115 8.35 -26.57 17.63
C ALA A 115 8.35 -25.04 17.74
N VAL A 116 7.94 -24.50 18.89
CA VAL A 116 7.87 -23.04 19.13
C VAL A 116 9.25 -22.40 18.96
N ASN A 117 10.30 -23.02 19.53
CA ASN A 117 11.66 -22.48 19.36
C ASN A 117 12.06 -22.36 17.89
N HIS A 118 11.78 -23.41 17.10
CA HIS A 118 12.13 -23.42 15.70
C HIS A 118 11.33 -22.42 14.91
N ILE A 119 10.01 -22.32 15.19
CA ILE A 119 9.12 -21.36 14.52
C ILE A 119 9.64 -19.93 14.81
N ARG A 120 9.99 -19.65 16.07
CA ARG A 120 10.55 -18.33 16.43
C ARG A 120 11.81 -18.04 15.66
N SER A 121 12.71 -19.04 15.50
CA SER A 121 13.95 -18.83 14.75
C SER A 121 13.67 -18.59 13.27
N VAL A 122 12.69 -19.30 12.68
CA VAL A 122 12.34 -19.09 11.26
C VAL A 122 11.77 -17.66 11.07
N TRP A 123 10.93 -17.21 12.03
CA TRP A 123 10.34 -15.87 11.98
C TRP A 123 11.44 -14.80 12.00
N GLU A 124 12.35 -14.91 12.96
CA GLU A 124 13.46 -13.96 13.07
C GLU A 124 14.28 -13.94 11.77
N ASP A 125 14.51 -15.12 11.15
CA ASP A 125 15.25 -15.20 9.90
C ASP A 125 14.52 -14.49 8.76
N LEU A 126 13.19 -14.55 8.73
CA LEU A 126 12.42 -13.83 7.70
C LEU A 126 12.57 -12.31 7.91
N LEU A 127 12.68 -11.89 9.17
CA LEU A 127 12.80 -10.47 9.49
C LEU A 127 14.19 -9.94 9.14
N GLU A 128 15.22 -10.77 9.30
CA GLU A 128 16.62 -10.36 9.13
C GLU A 128 17.16 -10.57 7.73
N ASP A 129 16.72 -11.64 7.07
CA ASP A 129 17.27 -12.04 5.79
C ASP A 129 16.25 -11.82 4.70
N THR A 130 16.58 -10.95 3.75
CA THR A 130 15.63 -10.60 2.68
C THR A 130 15.88 -11.31 1.37
N GLU A 131 16.92 -12.12 1.30
CA GLU A 131 17.42 -12.64 0.04
C GLU A 131 17.61 -14.15 -0.14
N THR A 132 18.02 -14.90 0.91
CA THR A 132 18.38 -16.32 0.75
C THR A 132 17.17 -17.10 0.24
N PRO A 133 17.24 -17.74 -0.94
CA PRO A 133 16.09 -18.54 -1.39
C PRO A 133 15.76 -19.61 -0.37
N ILE A 134 14.45 -19.78 -0.11
CA ILE A 134 13.96 -20.76 0.84
C ILE A 134 13.77 -22.08 0.11
N ASP A 135 14.24 -23.16 0.71
CA ASP A 135 14.11 -24.48 0.11
C ASP A 135 12.64 -24.90 0.04
N THR A 136 12.32 -25.69 -0.99
CA THR A 136 10.98 -26.27 -1.12
C THR A 136 11.12 -27.73 -1.51
N THR A 137 10.12 -28.52 -1.15
CA THR A 137 10.11 -29.91 -1.57
C THR A 137 9.14 -29.97 -2.72
N ILE A 138 9.47 -30.77 -3.75
CA ILE A 138 8.58 -31.07 -4.85
C ILE A 138 8.16 -32.55 -4.79
N MET A 139 6.86 -32.80 -4.90
CA MET A 139 6.30 -34.18 -4.84
C MET A 139 5.24 -34.32 -5.90
N ALA A 140 5.00 -35.56 -6.36
CA ALA A 140 3.87 -35.80 -7.26
C ALA A 140 2.65 -35.99 -6.35
N LYS A 141 1.53 -35.38 -6.72
CA LYS A 141 0.26 -35.46 -5.97
C LYS A 141 -0.41 -36.79 -6.29
N SER A 142 -1.02 -37.43 -5.28
CA SER A 142 -1.75 -38.69 -5.46
C SER A 142 -3.23 -38.32 -5.54
N GLU A 143 -3.80 -38.36 -6.73
CA GLU A 143 -5.22 -38.01 -6.94
C GLU A 143 -5.88 -39.09 -7.76
N VAL A 144 -7.14 -39.38 -7.45
CA VAL A 144 -7.89 -40.47 -8.11
C VAL A 144 -8.81 -39.93 -9.19
N PHE A 145 -8.83 -40.64 -10.34
CA PHE A 145 -9.67 -40.31 -11.45
C PHE A 145 -10.24 -41.56 -12.11
N CYS A 146 -11.16 -41.35 -13.04
CA CYS A 146 -11.69 -42.40 -13.90
C CYS A 146 -11.00 -42.22 -15.25
N VAL A 147 -10.64 -43.33 -15.91
CA VAL A 147 -10.00 -43.35 -17.23
C VAL A 147 -10.85 -42.61 -18.29
N GLN A 148 -10.17 -42.01 -19.29
CA GLN A 148 -10.72 -41.29 -20.45
C GLN A 148 -11.70 -40.17 -20.06
N ARG A 154 -4.69 -41.49 -19.50
CA ARG A 154 -4.56 -41.18 -18.06
C ARG A 154 -3.88 -39.86 -17.84
N LYS A 155 -4.34 -39.12 -16.84
CA LYS A 155 -3.76 -37.82 -16.50
C LYS A 155 -2.48 -38.07 -15.72
N PRO A 156 -1.40 -37.34 -16.03
CA PRO A 156 -0.18 -37.49 -15.22
C PRO A 156 -0.37 -36.77 -13.89
N ALA A 157 0.41 -37.15 -12.90
CA ALA A 157 0.36 -36.55 -11.57
C ALA A 157 0.53 -35.05 -11.59
N ARG A 158 -0.20 -34.33 -10.75
CA ARG A 158 0.07 -32.90 -10.57
C ARG A 158 1.28 -32.81 -9.62
N LEU A 159 2.00 -31.69 -9.67
CA LEU A 159 3.16 -31.52 -8.80
C LEU A 159 2.82 -30.54 -7.70
N ILE A 160 3.27 -30.85 -6.50
CA ILE A 160 3.05 -29.94 -5.37
C ILE A 160 4.41 -29.45 -4.90
N VAL A 161 4.52 -28.14 -4.61
CA VAL A 161 5.80 -27.53 -4.19
C VAL A 161 5.48 -26.80 -2.87
N PHE A 162 6.19 -27.14 -1.79
CA PHE A 162 5.89 -26.55 -0.48
C PHE A 162 7.13 -26.38 0.39
N PRO A 163 7.18 -25.32 1.19
CA PRO A 163 8.34 -25.14 2.11
C PRO A 163 8.12 -25.95 3.40
N ASP A 164 9.14 -25.98 4.25
CA ASP A 164 9.13 -26.68 5.53
C ASP A 164 8.04 -26.17 6.47
N LEU A 165 7.55 -27.06 7.34
CA LEU A 165 6.54 -26.76 8.36
C LEU A 165 6.79 -25.45 9.12
N GLY A 166 8.02 -25.19 9.53
CA GLY A 166 8.31 -23.96 10.30
C GLY A 166 7.98 -22.72 9.47
N VAL A 167 8.36 -22.76 8.19
CA VAL A 167 8.03 -21.67 7.26
C VAL A 167 6.49 -21.51 7.11
N ARG A 168 5.77 -22.62 6.97
CA ARG A 168 4.31 -22.57 6.80
C ARG A 168 3.63 -21.94 8.02
N VAL A 169 4.12 -22.22 9.23
CA VAL A 169 3.56 -21.56 10.42
C VAL A 169 3.80 -20.02 10.33
N CYS A 170 5.01 -19.61 9.91
CA CYS A 170 5.34 -18.19 9.73
C CYS A 170 4.50 -17.53 8.67
N GLU A 171 4.23 -18.26 7.56
CA GLU A 171 3.35 -17.67 6.55
C GLU A 171 2.01 -17.31 7.19
N LYS A 172 1.45 -18.20 8.02
CA LYS A 172 0.14 -17.90 8.65
C LYS A 172 0.25 -16.63 9.52
N MET A 173 1.31 -16.54 10.30
CA MET A 173 1.49 -15.36 11.16
C MET A 173 1.47 -14.06 10.37
N ALA A 174 2.22 -14.02 9.27
CA ALA A 174 2.28 -12.80 8.50
C ALA A 174 1.06 -12.54 7.61
N LEU A 175 0.50 -13.62 7.01
CA LEU A 175 -0.46 -13.47 5.93
C LEU A 175 -1.84 -14.11 6.08
N TYR A 176 -2.12 -14.85 7.17
CA TYR A 176 -3.43 -15.49 7.24
C TYR A 176 -4.53 -14.45 7.21
N ASP A 177 -4.39 -13.37 8.01
CA ASP A 177 -5.44 -12.33 7.99
C ASP A 177 -5.54 -11.64 6.65
N VAL A 178 -4.40 -11.41 5.98
CA VAL A 178 -4.42 -10.76 4.65
C VAL A 178 -5.15 -11.64 3.65
N VAL A 179 -4.76 -12.91 3.55
CA VAL A 179 -5.39 -13.79 2.54
C VAL A 179 -6.86 -14.08 2.81
N SER A 180 -7.26 -13.91 4.07
CA SER A 180 -8.66 -14.14 4.48
C SER A 180 -9.57 -12.96 4.23
N THR A 181 -9.03 -11.74 4.30
CA THR A 181 -9.86 -10.53 4.21
C THR A 181 -9.67 -9.69 2.96
N LEU A 182 -8.42 -9.62 2.47
CA LEU A 182 -8.10 -8.78 1.31
C LEU A 182 -8.85 -9.16 0.03
N PRO A 183 -9.02 -10.43 -0.34
CA PRO A 183 -9.70 -10.72 -1.62
C PRO A 183 -11.10 -10.14 -1.73
N GLN A 184 -11.94 -10.26 -0.67
CA GLN A 184 -13.30 -9.67 -0.76
C GLN A 184 -13.26 -8.13 -0.77
N ALA A 185 -12.27 -7.55 -0.07
CA ALA A 185 -12.17 -6.08 -0.09
C ALA A 185 -11.85 -5.56 -1.46
N VAL A 186 -11.00 -6.31 -2.19
CA VAL A 186 -10.55 -5.91 -3.52
C VAL A 186 -11.56 -6.23 -4.61
N MET A 187 -12.08 -7.46 -4.61
CA MET A 187 -12.91 -7.97 -5.71
C MET A 187 -14.41 -7.94 -5.47
N GLY A 188 -14.81 -7.66 -4.25
CA GLY A 188 -16.22 -7.52 -3.88
C GLY A 188 -17.00 -8.77 -4.21
N SER A 189 -18.16 -8.58 -4.83
CA SER A 189 -19.03 -9.70 -5.15
C SER A 189 -18.43 -10.71 -6.15
N SER A 190 -17.35 -10.33 -6.87
CA SER A 190 -16.68 -11.24 -7.80
C SER A 190 -15.87 -12.33 -7.10
N TYR A 191 -15.56 -12.16 -5.80
CA TYR A 191 -14.73 -13.15 -5.10
C TYR A 191 -15.55 -14.40 -4.77
N GLY A 192 -15.27 -15.50 -5.46
CA GLY A 192 -16.10 -16.70 -5.31
C GLY A 192 -16.15 -17.37 -3.95
N PHE A 193 -15.04 -17.31 -3.20
CA PHE A 193 -14.94 -18.06 -1.95
C PHE A 193 -15.76 -17.50 -0.80
N GLN A 194 -16.39 -16.34 -0.99
CA GLN A 194 -17.25 -15.78 0.08
C GLN A 194 -18.64 -16.44 0.08
N TYR A 195 -18.92 -17.29 -0.92
CA TYR A 195 -20.26 -17.87 -1.09
C TYR A 195 -20.34 -19.34 -0.72
N SER A 196 -21.44 -19.73 -0.06
CA SER A 196 -21.76 -21.14 0.14
C SER A 196 -22.24 -21.58 -1.27
N PRO A 197 -22.46 -22.89 -1.58
CA PRO A 197 -22.98 -23.22 -2.92
C PRO A 197 -24.35 -22.55 -3.20
N LYS A 198 -25.24 -22.45 -2.19
CA LYS A 198 -26.58 -21.81 -2.37
C LYS A 198 -26.41 -20.32 -2.74
N GLN A 199 -25.47 -19.64 -2.09
CA GLN A 199 -25.19 -18.23 -2.36
C GLN A 199 -24.54 -18.09 -3.74
N ARG A 200 -23.71 -19.07 -4.14
CA ARG A 200 -23.04 -19.02 -5.45
C ARG A 200 -24.09 -19.17 -6.54
N VAL A 201 -25.06 -20.10 -6.35
CA VAL A 201 -26.10 -20.25 -7.35
C VAL A 201 -27.00 -19.00 -7.42
N GLU A 202 -27.30 -18.40 -6.26
CA GLU A 202 -28.10 -17.16 -6.21
C GLU A 202 -27.40 -16.04 -6.96
N PHE A 203 -26.09 -15.91 -6.76
CA PHE A 203 -25.25 -14.89 -7.42
C PHE A 203 -25.25 -15.10 -8.93
N LEU A 204 -25.06 -16.36 -9.42
CA LEU A 204 -25.05 -16.67 -10.85
C LEU A 204 -26.40 -16.40 -11.48
N VAL A 205 -27.48 -16.90 -10.84
CA VAL A 205 -28.84 -16.74 -11.38
C VAL A 205 -29.22 -15.22 -11.45
N ASN A 206 -29.02 -14.48 -10.35
CA ASN A 206 -29.32 -13.04 -10.29
C ASN A 206 -28.48 -12.25 -11.30
N THR A 207 -27.19 -12.59 -11.42
CA THR A 207 -26.30 -11.95 -12.40
C THR A 207 -26.83 -12.22 -13.84
N TRP A 208 -27.15 -13.49 -14.16
CA TRP A 208 -27.65 -13.89 -15.47
C TRP A 208 -28.94 -13.14 -15.81
N LYS A 209 -29.88 -13.12 -14.85
CA LYS A 209 -31.18 -12.48 -15.05
C LYS A 209 -31.10 -10.95 -15.09
N SER A 210 -30.02 -10.34 -14.56
CA SER A 210 -29.81 -8.88 -14.50
C SER A 210 -29.40 -8.24 -15.84
N LYS A 211 -29.03 -9.07 -16.82
CA LYS A 211 -28.62 -8.63 -18.16
C LYS A 211 -29.85 -8.62 -19.07
N LYS A 212 -29.92 -7.65 -20.01
CA LYS A 212 -31.02 -7.55 -21.00
C LYS A 212 -30.98 -8.78 -21.91
N CYS A 213 -29.78 -9.11 -22.43
CA CYS A 213 -29.54 -10.27 -23.28
C CYS A 213 -28.21 -10.89 -22.80
N PRO A 214 -28.24 -11.83 -21.84
CA PRO A 214 -26.98 -12.35 -21.30
C PRO A 214 -26.18 -13.26 -22.21
N MET A 215 -24.85 -13.22 -22.02
CA MET A 215 -23.90 -14.12 -22.64
C MET A 215 -22.90 -14.43 -21.53
N GLY A 216 -22.49 -15.67 -21.44
CA GLY A 216 -21.53 -16.07 -20.44
C GLY A 216 -20.51 -17.04 -20.98
N PHE A 217 -19.35 -17.09 -20.32
CA PHE A 217 -18.32 -18.03 -20.69
C PHE A 217 -17.40 -18.34 -19.53
N SER A 218 -16.87 -19.56 -19.52
CA SER A 218 -15.85 -19.98 -18.55
C SER A 218 -14.52 -19.81 -19.29
N TYR A 219 -13.46 -19.44 -18.58
CA TYR A 219 -12.16 -19.31 -19.22
C TYR A 219 -11.18 -20.19 -18.47
N ASP A 220 -10.61 -21.16 -19.19
CA ASP A 220 -9.68 -22.14 -18.64
C ASP A 220 -8.26 -21.80 -19.03
N THR A 221 -7.43 -21.41 -18.07
CA THR A 221 -6.02 -21.14 -18.39
C THR A 221 -5.26 -22.47 -18.34
N ARG A 222 -4.40 -22.72 -19.33
CA ARG A 222 -3.61 -23.94 -19.32
C ARG A 222 -2.46 -23.84 -18.26
N CYS A 223 -2.35 -24.81 -17.34
CA CYS A 223 -1.32 -24.93 -16.28
C CYS A 223 -1.14 -23.54 -15.61
N PHE A 224 -2.22 -22.99 -15.02
CA PHE A 224 -2.20 -21.63 -14.48
C PHE A 224 -0.97 -21.32 -13.61
N ASP A 225 -0.60 -22.20 -12.66
CA ASP A 225 0.52 -21.86 -11.75
C ASP A 225 1.78 -21.59 -12.56
N SER A 226 1.96 -22.35 -13.63
CA SER A 226 3.16 -22.13 -14.49
C SER A 226 3.15 -20.82 -15.24
N THR A 227 1.95 -20.28 -15.56
CA THR A 227 1.82 -19.03 -16.31
C THR A 227 2.08 -17.79 -15.44
N VAL A 228 2.06 -17.98 -14.11
CA VAL A 228 2.27 -16.90 -13.16
C VAL A 228 3.74 -16.47 -13.17
N THR A 229 3.99 -15.22 -13.50
CA THR A 229 5.37 -14.72 -13.65
C THR A 229 5.92 -14.12 -12.37
N GLU A 230 7.21 -13.82 -12.39
CA GLU A 230 7.81 -13.10 -11.25
C GLU A 230 7.15 -11.72 -11.11
N SER A 231 6.85 -11.03 -12.24
CA SER A 231 6.14 -9.75 -12.23
C SER A 231 4.75 -9.92 -11.53
N ASP A 232 4.01 -10.97 -11.88
CA ASP A 232 2.68 -11.19 -11.29
C ASP A 232 2.77 -11.33 -9.77
N ILE A 233 3.80 -12.06 -9.28
CA ILE A 233 3.97 -12.32 -7.84
C ILE A 233 4.38 -11.02 -7.09
N ARG A 234 5.16 -10.14 -7.75
CA ARG A 234 5.54 -8.86 -7.14
C ARG A 234 4.35 -7.89 -7.19
N VAL A 235 3.52 -8.00 -8.25
CA VAL A 235 2.30 -7.19 -8.37
C VAL A 235 1.35 -7.58 -7.22
N GLU A 236 1.22 -8.86 -6.97
CA GLU A 236 0.37 -9.38 -5.92
C GLU A 236 0.90 -8.84 -4.58
N GLU A 237 2.21 -8.86 -4.38
CA GLU A 237 2.78 -8.30 -3.14
C GLU A 237 2.45 -6.79 -3.04
N SER A 238 2.48 -6.04 -4.18
CA SER A 238 2.18 -4.57 -4.16
C SER A 238 0.73 -4.35 -3.65
N ILE A 239 -0.16 -5.32 -3.90
CA ILE A 239 -1.52 -5.23 -3.38
C ILE A 239 -1.53 -5.50 -1.88
N TYR A 240 -0.84 -6.57 -1.42
CA TYR A 240 -0.76 -6.87 0.03
C TYR A 240 -0.19 -5.71 0.81
N GLN A 241 0.80 -5.02 0.22
CA GLN A 241 1.51 -3.93 0.89
C GLN A 241 0.62 -2.68 1.11
N CYS A 242 -0.55 -2.60 0.43
CA CYS A 242 -1.51 -1.52 0.63
C CYS A 242 -2.26 -1.69 1.94
N CYS A 243 -2.19 -2.87 2.56
CA CYS A 243 -2.84 -3.09 3.87
C CYS A 243 -2.12 -2.29 4.93
N ASP A 244 -2.83 -1.99 6.02
CA ASP A 244 -2.20 -1.48 7.23
C ASP A 244 -1.64 -2.78 7.83
N LEU A 245 -0.33 -2.80 8.10
CA LEU A 245 0.39 -3.98 8.60
C LEU A 245 1.34 -3.62 9.71
N ALA A 246 1.53 -4.59 10.62
CA ALA A 246 2.52 -4.48 11.69
C ALA A 246 3.86 -4.47 10.93
N PRO A 247 4.86 -3.72 11.42
CA PRO A 247 6.16 -3.66 10.72
C PRO A 247 6.76 -5.05 10.48
N GLU A 248 6.68 -5.95 11.48
CA GLU A 248 7.24 -7.30 11.30
C GLU A 248 6.48 -8.03 10.19
N ALA A 249 5.14 -7.82 10.08
CA ALA A 249 4.37 -8.46 9.00
C ALA A 249 4.81 -7.87 7.65
N ARG A 250 5.05 -6.55 7.56
CA ARG A 250 5.51 -5.96 6.30
C ARG A 250 6.84 -6.57 5.87
N GLN A 251 7.77 -6.72 6.81
CA GLN A 251 9.05 -7.33 6.47
C GLN A 251 8.90 -8.81 6.13
N ALA A 252 8.09 -9.54 6.88
CA ALA A 252 7.95 -10.96 6.55
C ALA A 252 7.33 -11.13 5.15
N ILE A 253 6.34 -10.30 4.79
CA ILE A 253 5.71 -10.40 3.45
C ILE A 253 6.74 -10.11 2.37
N ARG A 254 7.56 -9.03 2.57
CA ARG A 254 8.62 -8.66 1.64
C ARG A 254 9.63 -9.84 1.47
N SER A 255 10.09 -10.40 2.62
CA SER A 255 11.07 -11.50 2.62
C SER A 255 10.46 -12.77 2.01
N LEU A 256 9.21 -13.07 2.36
CA LEU A 256 8.55 -14.27 1.80
C LEU A 256 8.36 -14.14 0.29
N THR A 257 8.01 -12.93 -0.18
CA THR A 257 7.84 -12.69 -1.62
C THR A 257 9.16 -12.98 -2.36
N GLU A 258 10.24 -12.38 -1.89
CA GLU A 258 11.53 -12.53 -2.56
C GLU A 258 12.19 -13.89 -2.41
N ARG A 259 12.05 -14.52 -1.25
CA ARG A 259 12.72 -15.78 -0.94
C ARG A 259 11.94 -17.04 -1.28
N LEU A 260 10.62 -16.90 -1.40
CA LEU A 260 9.76 -18.07 -1.59
C LEU A 260 8.72 -17.91 -2.70
N TYR A 261 7.90 -16.85 -2.63
CA TYR A 261 6.78 -16.76 -3.58
C TYR A 261 7.21 -16.60 -5.04
N ILE A 262 8.22 -15.77 -5.30
CA ILE A 262 8.62 -15.57 -6.69
C ILE A 262 9.30 -16.78 -7.30
N GLY A 263 9.84 -17.65 -6.46
CA GLY A 263 10.61 -18.80 -6.94
C GLY A 263 11.63 -19.28 -5.95
N GLY A 264 12.37 -20.31 -6.36
CA GLY A 264 13.35 -20.91 -5.48
C GLY A 264 13.73 -22.32 -5.88
N PRO A 265 14.69 -22.89 -5.12
CA PRO A 265 15.19 -24.23 -5.43
C PRO A 265 14.16 -25.27 -5.05
N LEU A 266 14.19 -26.37 -5.81
CA LEU A 266 13.32 -27.51 -5.65
C LEU A 266 14.16 -28.70 -5.21
N THR A 267 13.72 -29.37 -4.16
CA THR A 267 14.38 -30.55 -3.58
C THR A 267 13.42 -31.73 -3.61
N ASN A 268 13.90 -32.92 -3.99
CA ASN A 268 13.00 -34.09 -3.96
C ASN A 268 12.94 -34.70 -2.57
N SER A 269 12.10 -35.75 -2.39
CA SER A 269 11.94 -36.43 -1.10
C SER A 269 13.24 -37.07 -0.59
N LYS A 270 14.21 -37.34 -1.48
CA LYS A 270 15.52 -37.92 -1.11
C LYS A 270 16.55 -36.86 -0.70
N GLY A 271 16.15 -35.58 -0.72
CA GLY A 271 17.05 -34.47 -0.38
C GLY A 271 17.93 -34.00 -1.51
N GLN A 272 17.64 -34.45 -2.74
CA GLN A 272 18.42 -34.09 -3.93
C GLN A 272 17.93 -32.82 -4.57
N ASN A 273 18.86 -31.99 -5.05
CA ASN A 273 18.54 -30.76 -5.78
C ASN A 273 17.89 -31.19 -7.10
N CYS A 274 16.65 -30.76 -7.31
N CYS A 274 16.63 -30.76 -7.33
CA CYS A 274 15.77 -31.14 -8.43
CA CYS A 274 15.79 -31.12 -8.49
C CYS A 274 15.69 -30.09 -9.54
C CYS A 274 15.75 -30.08 -9.58
N GLY A 275 15.78 -28.82 -9.18
CA GLY A 275 15.67 -27.75 -10.16
C GLY A 275 15.32 -26.43 -9.53
N TYR A 276 14.75 -25.56 -10.33
CA TYR A 276 14.46 -24.20 -9.87
C TYR A 276 13.14 -23.76 -10.41
N ARG A 277 12.32 -23.14 -9.54
CA ARG A 277 10.98 -22.66 -9.94
C ARG A 277 11.01 -21.13 -10.07
N ARG A 278 10.33 -20.59 -11.10
CA ARG A 278 10.16 -19.16 -11.33
C ARG A 278 8.68 -18.85 -11.58
N CYS A 279 7.80 -19.59 -10.92
CA CYS A 279 6.36 -19.43 -11.08
C CYS A 279 5.70 -19.73 -9.76
N ARG A 280 4.37 -19.70 -9.72
CA ARG A 280 3.62 -19.96 -8.50
C ARG A 280 3.93 -21.35 -7.91
N ALA A 281 4.19 -21.42 -6.61
CA ALA A 281 4.29 -22.67 -5.85
C ALA A 281 2.84 -23.07 -5.50
N SER A 282 2.46 -24.34 -5.70
CA SER A 282 1.08 -24.76 -5.42
C SER A 282 0.81 -24.90 -3.92
N GLY A 283 1.84 -25.08 -3.13
CA GLY A 283 1.73 -25.36 -1.70
C GLY A 283 2.18 -24.29 -0.74
N VAL A 284 1.74 -23.03 -0.98
CA VAL A 284 2.05 -21.94 -0.06
C VAL A 284 0.75 -21.25 0.34
N LEU A 285 0.78 -20.46 1.42
CA LEU A 285 -0.48 -19.91 1.89
C LEU A 285 -1.15 -18.94 0.92
N THR A 286 -0.32 -18.23 0.13
CA THR A 286 -0.81 -17.23 -0.81
C THR A 286 -1.27 -17.82 -2.16
N THR A 287 -1.20 -19.14 -2.36
CA THR A 287 -1.58 -19.69 -3.70
C THR A 287 -3.00 -19.29 -4.14
N SER A 288 -4.00 -19.58 -3.30
CA SER A 288 -5.39 -19.30 -3.67
C SER A 288 -5.64 -17.80 -3.87
N CYS A 289 -5.24 -16.98 -2.87
CA CYS A 289 -5.43 -15.53 -2.90
C CYS A 289 -4.69 -14.93 -4.09
N GLY A 290 -3.42 -15.30 -4.23
CA GLY A 290 -2.58 -14.82 -5.33
C GLY A 290 -3.17 -15.19 -6.70
N ASN A 291 -3.59 -16.43 -6.86
CA ASN A 291 -4.14 -16.87 -8.15
C ASN A 291 -5.43 -16.14 -8.44
N THR A 292 -6.28 -15.96 -7.39
CA THR A 292 -7.55 -15.27 -7.56
C THR A 292 -7.32 -13.80 -8.01
N LEU A 293 -6.44 -13.09 -7.31
CA LEU A 293 -6.14 -11.70 -7.62
C LEU A 293 -5.58 -11.59 -9.03
N THR A 294 -4.62 -12.48 -9.37
CA THR A 294 -3.95 -12.44 -10.69
C THR A 294 -4.96 -12.72 -11.81
N CYS A 295 -5.80 -13.71 -11.62
CA CYS A 295 -6.82 -14.07 -12.60
C CYS A 295 -7.81 -12.92 -12.77
N TYR A 296 -8.30 -12.35 -11.67
CA TYR A 296 -9.22 -11.23 -11.69
C TYR A 296 -8.59 -10.05 -12.41
N LEU A 297 -7.36 -9.67 -12.06
CA LEU A 297 -6.66 -8.55 -12.67
C LEU A 297 -6.54 -8.75 -14.21
N LYS A 298 -5.97 -9.87 -14.64
CA LYS A 298 -5.80 -10.17 -16.07
C LYS A 298 -7.14 -10.20 -16.80
N ALA A 299 -8.14 -10.89 -16.24
CA ALA A 299 -9.47 -10.98 -16.87
C ALA A 299 -10.20 -9.64 -16.93
N THR A 300 -10.16 -8.84 -15.85
CA THR A 300 -10.81 -7.51 -15.83
C THR A 300 -10.21 -6.61 -16.91
N ALA A 301 -8.87 -6.59 -16.97
CA ALA A 301 -8.17 -5.81 -18.01
C ALA A 301 -8.50 -6.37 -19.41
N ALA A 302 -8.55 -7.70 -19.56
CA ALA A 302 -8.87 -8.37 -20.83
C ALA A 302 -10.29 -8.05 -21.32
N CYS A 303 -11.27 -7.93 -20.40
N CYS A 303 -11.28 -7.93 -20.40
N CYS A 303 -11.28 -7.92 -20.40
CA CYS A 303 -12.65 -7.57 -20.70
CA CYS A 303 -12.66 -7.55 -20.73
CA CYS A 303 -12.66 -7.55 -20.74
C CYS A 303 -12.68 -6.17 -21.34
C CYS A 303 -12.70 -6.14 -21.35
C CYS A 303 -12.71 -6.14 -21.34
N ARG A 304 -11.87 -5.23 -20.81
CA ARG A 304 -11.75 -3.85 -21.28
C ARG A 304 -11.11 -3.82 -22.68
N ALA A 305 -10.04 -4.61 -22.89
CA ALA A 305 -9.35 -4.73 -24.18
C ALA A 305 -10.31 -5.27 -25.25
N ALA A 306 -11.18 -6.22 -24.86
CA ALA A 306 -12.14 -6.91 -25.72
C ALA A 306 -13.43 -6.14 -25.95
N LYS A 307 -13.63 -5.04 -25.18
CA LYS A 307 -14.83 -4.19 -25.19
C LYS A 307 -16.09 -4.99 -24.83
N LEU A 308 -15.94 -5.99 -23.94
CA LEU A 308 -17.08 -6.75 -23.45
C LEU A 308 -17.92 -5.81 -22.58
N GLN A 309 -19.24 -5.80 -22.77
CA GLN A 309 -20.18 -4.88 -22.14
C GLN A 309 -20.83 -5.43 -20.87
N ASP A 310 -20.92 -4.58 -19.81
CA ASP A 310 -21.58 -4.87 -18.52
C ASP A 310 -21.15 -6.23 -17.95
N CYS A 311 -19.83 -6.44 -17.85
CA CYS A 311 -19.21 -7.67 -17.38
C CYS A 311 -19.41 -7.88 -15.88
N THR A 312 -19.66 -9.12 -15.48
CA THR A 312 -19.70 -9.54 -14.09
C THR A 312 -18.88 -10.80 -14.06
N MET A 313 -17.87 -10.81 -13.22
CA MET A 313 -17.00 -11.96 -13.12
C MET A 313 -17.18 -12.66 -11.80
N LEU A 314 -16.89 -13.95 -11.80
CA LEU A 314 -16.89 -14.77 -10.58
C LEU A 314 -15.61 -15.56 -10.67
N VAL A 315 -14.72 -15.31 -9.72
CA VAL A 315 -13.36 -15.88 -9.71
C VAL A 315 -13.08 -16.67 -8.46
N ASN A 316 -12.51 -17.90 -8.61
CA ASN A 316 -12.08 -18.75 -7.49
C ASN A 316 -10.72 -19.31 -7.94
N GLY A 317 -9.61 -18.72 -7.47
CA GLY A 317 -8.27 -19.15 -7.91
C GLY A 317 -8.15 -18.93 -9.41
N ASP A 318 -7.79 -19.97 -10.14
CA ASP A 318 -7.68 -19.87 -11.60
C ASP A 318 -9.00 -20.12 -12.32
N ASP A 319 -10.07 -20.39 -11.57
CA ASP A 319 -11.36 -20.67 -12.21
C ASP A 319 -12.12 -19.38 -12.40
N LEU A 320 -12.50 -19.10 -13.65
CA LEU A 320 -13.15 -17.86 -14.03
C LEU A 320 -14.41 -18.07 -14.85
N VAL A 321 -15.46 -17.34 -14.52
CA VAL A 321 -16.71 -17.27 -15.30
C VAL A 321 -17.06 -15.81 -15.48
N VAL A 322 -17.46 -15.43 -16.69
CA VAL A 322 -17.81 -14.05 -17.00
C VAL A 322 -19.22 -14.05 -17.53
N ILE A 323 -20.05 -13.14 -17.03
CA ILE A 323 -21.42 -12.96 -17.52
C ILE A 323 -21.50 -11.52 -17.97
N CYS A 324 -21.90 -11.31 -19.22
CA CYS A 324 -21.96 -9.95 -19.73
C CYS A 324 -23.18 -9.72 -20.59
N GLU A 325 -23.29 -8.51 -21.13
CA GLU A 325 -24.37 -8.11 -22.03
C GLU A 325 -23.95 -8.52 -23.45
N SER A 326 -24.80 -9.27 -24.16
CA SER A 326 -24.52 -9.67 -25.54
C SER A 326 -24.59 -8.48 -26.49
N ALA A 327 -23.74 -8.47 -27.51
CA ALA A 327 -23.73 -7.44 -28.56
C ALA A 327 -24.16 -8.10 -29.89
N GLY A 328 -24.62 -9.35 -29.79
CA GLY A 328 -25.00 -10.20 -30.90
C GLY A 328 -24.00 -11.33 -31.06
N THR A 329 -24.43 -12.47 -31.64
CA THR A 329 -23.58 -13.67 -31.81
C THR A 329 -22.21 -13.50 -32.48
N GLN A 330 -22.15 -12.76 -33.61
CA GLN A 330 -20.87 -12.58 -34.33
C GLN A 330 -19.94 -11.65 -33.56
N GLU A 331 -20.49 -10.56 -32.98
CA GLU A 331 -19.79 -9.57 -32.17
C GLU A 331 -19.21 -10.22 -30.90
N ASP A 332 -20.03 -11.06 -30.22
CA ASP A 332 -19.62 -11.80 -29.02
C ASP A 332 -18.50 -12.78 -29.35
N ALA A 333 -18.59 -13.45 -30.52
CA ALA A 333 -17.57 -14.40 -30.96
C ALA A 333 -16.23 -13.70 -31.16
N ALA A 334 -16.26 -12.49 -31.76
CA ALA A 334 -15.08 -11.67 -32.03
C ALA A 334 -14.53 -11.06 -30.72
N ALA A 335 -15.42 -10.59 -29.82
CA ALA A 335 -14.99 -10.02 -28.53
C ALA A 335 -14.34 -11.10 -27.67
N LEU A 336 -14.85 -12.34 -27.74
CA LEU A 336 -14.25 -13.45 -26.97
C LEU A 336 -12.86 -13.81 -27.47
N ARG A 337 -12.65 -13.75 -28.81
CA ARG A 337 -11.31 -13.97 -29.39
C ARG A 337 -10.37 -12.84 -28.92
N ALA A 338 -10.87 -11.59 -28.86
CA ALA A 338 -10.11 -10.40 -28.39
C ALA A 338 -9.75 -10.55 -26.89
N PHE A 339 -10.67 -11.12 -26.12
CA PHE A 339 -10.44 -11.38 -24.69
C PHE A 339 -9.31 -12.40 -24.55
N THR A 340 -9.39 -13.50 -25.31
CA THR A 340 -8.40 -14.59 -25.30
C THR A 340 -7.02 -14.05 -25.70
N GLU A 341 -6.97 -13.20 -26.73
CA GLU A 341 -5.71 -12.59 -27.21
C GLU A 341 -5.08 -11.72 -26.11
N ALA A 342 -5.91 -10.94 -25.38
CA ALA A 342 -5.45 -10.07 -24.29
C ALA A 342 -4.95 -10.93 -23.13
N MET A 343 -5.73 -11.99 -22.74
CA MET A 343 -5.26 -12.93 -21.69
C MET A 343 -3.91 -13.59 -22.05
N THR A 344 -3.74 -13.98 -23.32
CA THR A 344 -2.49 -14.57 -23.81
C THR A 344 -1.33 -13.60 -23.65
N ARG A 345 -1.50 -12.32 -24.05
CA ARG A 345 -0.46 -11.28 -23.89
C ARG A 345 -0.09 -11.17 -22.42
N TYR A 346 -1.11 -11.27 -21.52
CA TYR A 346 -0.90 -11.21 -20.08
C TYR A 346 -0.28 -12.47 -19.47
N SER A 347 0.04 -13.51 -20.28
CA SER A 347 0.59 -14.79 -19.83
C SER A 347 -0.50 -15.59 -19.08
N ALA A 348 -1.66 -15.76 -19.74
CA ALA A 348 -2.75 -16.60 -19.25
C ALA A 348 -3.43 -17.17 -20.51
N PRO A 349 -2.69 -17.96 -21.35
CA PRO A 349 -3.31 -18.50 -22.58
C PRO A 349 -4.37 -19.54 -22.26
N PRO A 350 -5.32 -19.85 -23.16
CA PRO A 350 -6.35 -20.81 -22.79
C PRO A 350 -5.94 -22.26 -22.98
N GLY A 351 -6.63 -23.13 -22.26
CA GLY A 351 -6.50 -24.58 -22.44
C GLY A 351 -7.40 -24.85 -23.63
N ASP A 352 -8.70 -24.91 -23.38
CA ASP A 352 -9.69 -25.06 -24.46
C ASP A 352 -10.12 -23.63 -24.82
N PRO A 353 -10.29 -23.25 -26.11
CA PRO A 353 -10.72 -21.88 -26.39
C PRO A 353 -12.12 -21.63 -25.78
N PRO A 354 -12.38 -20.44 -25.19
CA PRO A 354 -13.69 -20.21 -24.57
C PRO A 354 -14.84 -20.15 -25.58
N GLN A 355 -16.01 -20.60 -25.16
CA GLN A 355 -17.17 -20.59 -26.03
C GLN A 355 -18.28 -19.72 -25.47
N PRO A 356 -18.86 -18.80 -26.27
CA PRO A 356 -19.97 -17.97 -25.75
C PRO A 356 -21.16 -18.88 -25.46
N GLU A 357 -21.83 -18.68 -24.32
CA GLU A 357 -23.01 -19.46 -23.96
C GLU A 357 -24.16 -18.54 -23.71
N TYR A 358 -25.35 -18.96 -24.17
CA TYR A 358 -26.57 -18.18 -24.09
C TYR A 358 -27.61 -18.85 -23.20
N ASP A 359 -27.19 -19.89 -22.49
CA ASP A 359 -27.99 -20.65 -21.54
C ASP A 359 -27.09 -20.83 -20.31
N LEU A 360 -27.53 -20.30 -19.15
CA LEU A 360 -26.76 -20.38 -17.91
C LEU A 360 -26.44 -21.81 -17.51
N GLU A 361 -27.38 -22.76 -17.71
CA GLU A 361 -27.16 -24.17 -17.34
C GLU A 361 -26.06 -24.86 -18.19
N LEU A 362 -25.64 -24.23 -19.31
CA LEU A 362 -24.60 -24.78 -20.19
C LEU A 362 -23.18 -24.35 -19.77
N ILE A 363 -23.10 -23.40 -18.83
CA ILE A 363 -21.78 -22.96 -18.38
C ILE A 363 -21.26 -23.90 -17.28
N THR A 364 -20.00 -24.36 -17.39
CA THR A 364 -19.37 -25.15 -16.34
C THR A 364 -18.34 -24.25 -15.68
N SER A 365 -18.53 -23.92 -14.40
CA SER A 365 -17.57 -23.08 -13.64
C SER A 365 -17.36 -23.75 -12.28
N CYS A 366 -16.10 -23.80 -11.80
CA CYS A 366 -15.74 -24.53 -10.57
C CYS A 366 -16.21 -25.99 -10.68
N SER A 367 -16.07 -26.55 -11.91
CA SER A 367 -16.41 -27.94 -12.32
C SER A 367 -17.92 -28.22 -12.15
N SER A 368 -18.73 -27.18 -11.98
CA SER A 368 -20.14 -27.29 -11.68
C SER A 368 -21.01 -26.51 -12.61
N ASN A 369 -22.29 -26.91 -12.69
CA ASN A 369 -23.25 -26.21 -13.51
C ASN A 369 -24.54 -26.05 -12.70
N VAL A 370 -25.28 -25.01 -13.02
CA VAL A 370 -26.58 -24.71 -12.45
C VAL A 370 -27.58 -25.69 -13.06
N SER A 371 -28.46 -26.26 -12.24
CA SER A 371 -29.52 -27.11 -12.74
C SER A 371 -30.77 -26.75 -11.93
N VAL A 372 -31.93 -27.28 -12.32
CA VAL A 372 -33.20 -26.95 -11.66
C VAL A 372 -33.91 -28.21 -11.21
N ALA A 373 -34.54 -28.15 -10.03
CA ALA A 373 -35.39 -29.23 -9.56
C ALA A 373 -36.60 -28.52 -8.93
N HIS A 374 -37.45 -29.25 -8.24
CA HIS A 374 -38.64 -28.65 -7.63
C HIS A 374 -38.67 -29.04 -6.18
N ASP A 375 -39.15 -28.14 -5.31
CA ASP A 375 -39.26 -28.43 -3.89
C ASP A 375 -40.60 -29.14 -3.61
N ALA A 376 -40.94 -29.36 -2.32
CA ALA A 376 -42.19 -30.06 -1.95
C ALA A 376 -43.46 -29.38 -2.52
N SER A 377 -43.47 -28.05 -2.65
CA SER A 377 -44.58 -27.25 -3.19
C SER A 377 -44.61 -27.18 -4.72
N GLY A 378 -43.59 -27.75 -5.38
CA GLY A 378 -43.47 -27.74 -6.83
C GLY A 378 -42.76 -26.51 -7.37
N LYS A 379 -42.28 -25.63 -6.48
CA LYS A 379 -41.55 -24.41 -6.82
C LYS A 379 -40.16 -24.77 -7.39
N ARG A 380 -39.74 -24.06 -8.46
CA ARG A 380 -38.43 -24.24 -9.09
C ARG A 380 -37.32 -23.83 -8.10
N VAL A 381 -36.32 -24.71 -7.93
CA VAL A 381 -35.19 -24.44 -7.05
C VAL A 381 -33.93 -24.63 -7.91
N TYR A 382 -33.09 -23.59 -8.03
CA TYR A 382 -31.82 -23.75 -8.73
C TYR A 382 -30.79 -24.27 -7.74
N TYR A 383 -29.88 -25.11 -8.20
CA TYR A 383 -28.83 -25.67 -7.35
C TYR A 383 -27.64 -26.01 -8.22
N LEU A 384 -26.47 -26.19 -7.59
CA LEU A 384 -25.27 -26.54 -8.31
C LEU A 384 -25.03 -28.04 -8.29
N THR A 385 -24.72 -28.58 -9.45
CA THR A 385 -24.36 -29.98 -9.61
C THR A 385 -23.07 -30.08 -10.41
N ARG A 386 -22.65 -31.31 -10.71
CA ARG A 386 -21.47 -31.59 -11.54
C ARG A 386 -21.57 -33.01 -12.03
N ASP A 387 -20.73 -33.37 -13.01
CA ASP A 387 -20.63 -34.73 -13.48
C ASP A 387 -20.16 -35.56 -12.27
N PRO A 388 -20.85 -36.67 -11.91
CA PRO A 388 -20.45 -37.41 -10.69
C PRO A 388 -19.32 -38.41 -10.87
N THR A 389 -18.71 -38.49 -12.06
CA THR A 389 -17.64 -39.49 -12.30
C THR A 389 -16.51 -39.40 -11.29
N THR A 390 -15.86 -38.23 -11.17
CA THR A 390 -14.73 -38.11 -10.24
C THR A 390 -15.16 -38.33 -8.78
N PRO A 391 -16.26 -37.70 -8.30
CA PRO A 391 -16.74 -37.95 -6.93
C PRO A 391 -16.98 -39.43 -6.67
N LEU A 392 -17.56 -40.17 -7.65
CA LEU A 392 -17.82 -41.60 -7.42
C LEU A 392 -16.54 -42.45 -7.40
N ALA A 393 -15.60 -42.15 -8.32
CA ALA A 393 -14.32 -42.84 -8.41
C ALA A 393 -13.57 -42.63 -7.08
N ARG A 394 -13.53 -41.38 -6.59
CA ARG A 394 -12.87 -41.07 -5.31
C ARG A 394 -13.57 -41.68 -4.10
N ALA A 395 -14.91 -41.72 -4.11
CA ALA A 395 -15.67 -42.35 -3.02
C ALA A 395 -15.34 -43.85 -2.97
N ALA A 396 -15.19 -44.50 -4.15
CA ALA A 396 -14.82 -45.93 -4.22
C ALA A 396 -13.42 -46.15 -3.62
N TRP A 397 -12.47 -45.27 -3.97
CA TRP A 397 -11.12 -45.33 -3.44
C TRP A 397 -11.11 -45.18 -1.93
N GLU A 398 -11.86 -44.20 -1.41
CA GLU A 398 -11.97 -43.90 0.02
C GLU A 398 -12.66 -44.99 0.80
N THR A 399 -13.49 -45.79 0.13
CA THR A 399 -14.16 -46.93 0.77
C THR A 399 -13.13 -48.06 0.94
N ALA A 400 -12.26 -48.28 -0.06
CA ALA A 400 -11.26 -49.37 -0.07
C ALA A 400 -10.03 -49.06 0.79
N ARG A 401 -9.67 -47.77 0.89
CA ARG A 401 -8.48 -47.35 1.64
C ARG A 401 -8.78 -46.17 2.55
N HIS A 402 -8.21 -46.15 3.76
CA HIS A 402 -8.36 -44.99 4.65
C HIS A 402 -7.45 -43.89 4.06
N THR A 403 -8.04 -42.76 3.67
CA THR A 403 -7.31 -41.66 3.04
C THR A 403 -7.32 -40.46 4.01
N PRO A 404 -6.32 -39.55 4.00
CA PRO A 404 -6.36 -38.41 4.96
C PRO A 404 -7.57 -37.49 4.78
N ILE A 405 -7.96 -37.22 3.53
CA ILE A 405 -9.12 -36.39 3.22
C ILE A 405 -10.20 -37.27 2.62
N ASN A 406 -11.42 -37.13 3.12
CA ASN A 406 -12.56 -37.88 2.62
C ASN A 406 -13.35 -36.99 1.70
N SER A 407 -13.05 -37.05 0.40
CA SER A 407 -13.75 -36.22 -0.57
C SER A 407 -15.25 -36.53 -0.59
N TRP A 408 -15.65 -37.78 -0.27
CA TRP A 408 -17.07 -38.15 -0.25
C TRP A 408 -17.86 -37.25 0.71
N LEU A 409 -17.25 -36.97 1.87
CA LEU A 409 -17.89 -36.15 2.90
C LEU A 409 -18.00 -34.70 2.44
N GLY A 410 -16.95 -34.16 1.83
CA GLY A 410 -17.01 -32.81 1.27
C GLY A 410 -18.03 -32.69 0.15
N ASN A 411 -18.13 -33.78 -0.66
CA ASN A 411 -19.10 -33.81 -1.78
C ASN A 411 -20.51 -33.86 -1.26
N ILE A 412 -20.75 -34.63 -0.19
CA ILE A 412 -22.09 -34.64 0.40
C ILE A 412 -22.44 -33.26 0.91
N ILE A 413 -21.50 -32.58 1.56
CA ILE A 413 -21.78 -31.24 2.10
C ILE A 413 -22.07 -30.23 0.97
N MET A 414 -21.17 -30.16 0.00
CA MET A 414 -21.27 -29.16 -1.07
C MET A 414 -22.32 -29.47 -2.12
N TYR A 415 -22.57 -30.76 -2.38
CA TYR A 415 -23.52 -31.15 -3.41
C TYR A 415 -24.73 -31.86 -2.80
N ALA A 416 -25.04 -31.56 -1.52
CA ALA A 416 -26.21 -32.13 -0.83
C ALA A 416 -27.53 -32.14 -1.60
N PRO A 417 -27.89 -31.10 -2.38
CA PRO A 417 -29.19 -31.15 -3.10
C PRO A 417 -29.22 -32.06 -4.34
N THR A 418 -28.05 -32.53 -4.81
CA THR A 418 -27.97 -33.33 -6.04
C THR A 418 -28.58 -34.73 -5.88
N LEU A 419 -29.09 -35.23 -7.00
CA LEU A 419 -29.66 -36.58 -7.07
C LEU A 419 -28.59 -37.63 -6.72
N TRP A 420 -27.35 -37.42 -7.20
CA TRP A 420 -26.28 -38.38 -6.98
C TRP A 420 -25.72 -38.36 -5.54
N ALA A 421 -25.56 -37.17 -4.95
CA ALA A 421 -25.07 -37.15 -3.57
C ALA A 421 -26.12 -37.75 -2.61
N ARG A 422 -27.41 -37.49 -2.86
CA ARG A 422 -28.48 -38.03 -1.97
C ARG A 422 -28.69 -39.54 -2.13
N MET A 423 -28.88 -39.96 -3.38
CA MET A 423 -29.20 -41.36 -3.61
C MET A 423 -28.03 -42.30 -3.48
N ILE A 424 -26.84 -41.86 -3.88
CA ILE A 424 -25.69 -42.75 -3.85
C ILE A 424 -24.75 -42.50 -2.68
N LEU A 425 -24.14 -41.30 -2.60
CA LEU A 425 -23.15 -41.09 -1.56
C LEU A 425 -23.71 -41.19 -0.15
N MET A 426 -24.88 -40.57 0.13
CA MET A 426 -25.44 -40.65 1.47
C MET A 426 -25.79 -42.10 1.78
N THR A 427 -26.47 -42.79 0.84
CA THR A 427 -26.87 -44.19 1.05
C THR A 427 -25.66 -45.11 1.31
N HIS A 428 -24.63 -45.01 0.47
CA HIS A 428 -23.45 -45.89 0.60
C HIS A 428 -22.71 -45.68 1.91
N PHE A 429 -22.35 -44.43 2.23
CA PHE A 429 -21.60 -44.13 3.43
C PHE A 429 -22.37 -44.30 4.70
N PHE A 430 -23.66 -43.92 4.74
CA PHE A 430 -24.45 -44.14 5.97
C PHE A 430 -24.62 -45.64 6.22
N SER A 431 -24.77 -46.44 5.16
CA SER A 431 -24.91 -47.90 5.34
C SER A 431 -23.66 -48.49 5.97
N ILE A 432 -22.49 -48.12 5.44
CA ILE A 432 -21.20 -48.64 5.93
C ILE A 432 -20.91 -48.17 7.32
N LEU A 433 -21.10 -46.87 7.57
CA LEU A 433 -20.81 -46.31 8.88
C LEU A 433 -21.73 -46.81 9.98
N LEU A 434 -22.98 -47.06 9.63
CA LEU A 434 -23.91 -47.58 10.61
C LEU A 434 -23.50 -49.04 10.95
N ALA A 435 -23.10 -49.85 9.94
CA ALA A 435 -22.69 -51.24 10.18
C ALA A 435 -21.40 -51.30 11.05
N GLN A 436 -20.58 -50.25 10.98
CA GLN A 436 -19.31 -50.16 11.72
C GLN A 436 -19.39 -49.37 13.03
N GLU A 437 -20.60 -48.89 13.38
CA GLU A 437 -20.90 -48.08 14.56
C GLU A 437 -19.98 -46.84 14.56
N GLN A 438 -19.77 -46.25 13.36
CA GLN A 438 -18.89 -45.10 13.20
C GLN A 438 -19.61 -43.83 12.72
N LEU A 439 -20.94 -43.77 12.86
CA LEU A 439 -21.69 -42.56 12.45
C LEU A 439 -21.24 -41.32 13.24
N GLY A 440 -20.83 -41.51 14.49
CA GLY A 440 -20.40 -40.43 15.38
C GLY A 440 -18.92 -40.14 15.39
N LYS A 441 -18.14 -40.83 14.52
CA LYS A 441 -16.69 -40.62 14.48
C LYS A 441 -16.36 -39.47 13.50
N ALA A 442 -15.68 -38.40 13.99
CA ALA A 442 -15.29 -37.29 13.14
C ALA A 442 -14.32 -37.69 12.06
N LEU A 443 -14.57 -37.20 10.84
CA LEU A 443 -13.70 -37.48 9.70
C LEU A 443 -13.26 -36.16 9.10
N ASP A 444 -12.09 -36.16 8.48
CA ASP A 444 -11.60 -34.94 7.83
C ASP A 444 -12.08 -34.82 6.41
N CYS A 445 -12.43 -33.59 6.02
CA CYS A 445 -12.83 -33.27 4.65
C CYS A 445 -12.34 -31.85 4.36
N GLN A 446 -12.45 -31.41 3.11
CA GLN A 446 -11.97 -30.08 2.74
C GLN A 446 -13.09 -29.28 2.13
N ILE A 447 -13.17 -28.00 2.52
CA ILE A 447 -14.14 -27.05 1.99
C ILE A 447 -13.32 -25.85 1.60
N TYR A 448 -13.34 -25.50 0.31
CA TYR A 448 -12.56 -24.37 -0.22
C TYR A 448 -11.07 -24.46 0.22
N GLY A 449 -10.56 -25.69 0.20
CA GLY A 449 -9.17 -25.96 0.50
C GLY A 449 -8.79 -26.09 1.96
N ALA A 450 -9.65 -25.67 2.89
CA ALA A 450 -9.41 -25.76 4.33
C ALA A 450 -9.92 -27.09 4.86
N CYS A 451 -9.19 -27.65 5.82
N CYS A 451 -9.20 -27.63 5.84
CA CYS A 451 -9.55 -28.93 6.42
CA CYS A 451 -9.55 -28.92 6.46
C CYS A 451 -10.51 -28.76 7.61
C CYS A 451 -10.50 -28.77 7.63
N TYR A 452 -11.55 -29.61 7.65
CA TYR A 452 -12.56 -29.62 8.73
C TYR A 452 -12.75 -31.04 9.25
N SER A 453 -12.96 -31.18 10.56
CA SER A 453 -13.23 -32.47 11.18
C SER A 453 -14.74 -32.51 11.45
N ILE A 454 -15.46 -33.37 10.73
CA ILE A 454 -16.93 -33.40 10.81
C ILE A 454 -17.46 -34.80 11.13
N GLU A 455 -18.46 -34.88 12.00
CA GLU A 455 -19.10 -36.16 12.25
C GLU A 455 -20.24 -36.32 11.25
N PRO A 456 -20.37 -37.51 10.61
CA PRO A 456 -21.50 -37.74 9.70
C PRO A 456 -22.87 -37.46 10.34
N LEU A 457 -23.03 -37.73 11.67
CA LEU A 457 -24.31 -37.43 12.35
C LEU A 457 -24.73 -35.97 12.36
N ASP A 458 -23.79 -35.06 12.10
CA ASP A 458 -24.10 -33.63 12.09
C ASP A 458 -24.49 -33.13 10.69
N LEU A 459 -24.44 -34.03 9.70
CA LEU A 459 -24.80 -33.64 8.34
C LEU A 459 -26.19 -32.96 8.18
N PRO A 460 -27.31 -33.41 8.82
CA PRO A 460 -28.59 -32.74 8.56
C PRO A 460 -28.54 -31.24 8.86
N GLN A 461 -28.02 -30.85 10.05
CA GLN A 461 -27.98 -29.41 10.38
C GLN A 461 -27.00 -28.63 9.50
N ILE A 462 -25.88 -29.23 9.13
CA ILE A 462 -24.91 -28.56 8.25
C ILE A 462 -25.60 -28.29 6.90
N ILE A 463 -26.25 -29.35 6.35
CA ILE A 463 -26.92 -29.22 5.07
C ILE A 463 -28.03 -28.14 5.12
N GLU A 464 -28.83 -28.15 6.19
CA GLU A 464 -29.93 -27.19 6.35
C GLU A 464 -29.33 -25.78 6.35
N ARG A 465 -28.25 -25.56 7.10
CA ARG A 465 -27.62 -24.22 7.13
C ARG A 465 -27.12 -23.79 5.78
N LEU A 466 -26.41 -24.68 5.07
CA LEU A 466 -25.85 -24.35 3.78
C LEU A 466 -26.85 -24.20 2.67
N HIS A 467 -27.80 -25.15 2.55
CA HIS A 467 -28.65 -25.25 1.37
C HIS A 467 -30.13 -24.97 1.62
N GLY A 468 -30.52 -24.98 2.88
CA GLY A 468 -31.91 -24.81 3.28
C GLY A 468 -32.59 -26.17 3.33
N LEU A 469 -33.80 -26.23 3.91
CA LEU A 469 -34.58 -27.48 4.01
C LEU A 469 -34.93 -28.07 2.66
N SER A 470 -34.95 -27.23 1.59
CA SER A 470 -35.27 -27.75 0.26
C SER A 470 -34.28 -28.83 -0.19
N ALA A 471 -33.04 -28.83 0.36
CA ALA A 471 -32.05 -29.86 0.02
C ALA A 471 -32.59 -31.27 0.37
N PHE A 472 -33.61 -31.36 1.28
CA PHE A 472 -34.18 -32.65 1.68
C PHE A 472 -35.52 -32.92 0.96
N THR A 473 -35.97 -32.02 0.07
CA THR A 473 -37.27 -32.16 -0.57
C THR A 473 -37.21 -32.12 -2.10
N LEU A 474 -36.03 -31.82 -2.69
CA LEU A 474 -36.01 -31.74 -4.16
C LEU A 474 -36.46 -33.02 -4.84
N HIS A 475 -37.17 -32.85 -5.95
CA HIS A 475 -37.65 -33.95 -6.78
C HIS A 475 -37.87 -33.37 -8.17
N SER A 476 -38.25 -34.21 -9.15
CA SER A 476 -38.45 -33.77 -10.54
C SER A 476 -37.19 -33.06 -11.02
N TYR A 477 -36.08 -33.78 -10.95
CA TYR A 477 -34.78 -33.34 -11.42
C TYR A 477 -34.85 -33.27 -12.94
N SER A 478 -33.96 -32.49 -13.56
CA SER A 478 -34.06 -32.30 -15.03
C SER A 478 -33.69 -33.59 -15.79
N PRO A 479 -34.35 -33.85 -16.94
CA PRO A 479 -34.01 -35.07 -17.69
C PRO A 479 -32.52 -35.16 -18.03
N GLY A 480 -31.89 -34.02 -18.31
CA GLY A 480 -30.47 -33.94 -18.62
C GLY A 480 -29.60 -34.35 -17.45
N GLU A 481 -29.99 -33.92 -16.25
CA GLU A 481 -29.23 -34.28 -15.04
C GLU A 481 -29.43 -35.77 -14.77
N ILE A 482 -30.69 -36.27 -14.84
CA ILE A 482 -30.94 -37.70 -14.61
C ILE A 482 -30.12 -38.55 -15.60
N ASN A 483 -30.14 -38.18 -16.88
CA ASN A 483 -29.42 -38.95 -17.91
C ASN A 483 -27.94 -38.97 -17.65
N ARG A 484 -27.35 -37.80 -17.27
CA ARG A 484 -25.93 -37.72 -16.94
C ARG A 484 -25.56 -38.68 -15.82
N VAL A 485 -26.34 -38.70 -14.74
CA VAL A 485 -26.05 -39.60 -13.62
C VAL A 485 -26.20 -41.07 -14.07
N ALA A 486 -27.36 -41.44 -14.64
CA ALA A 486 -27.59 -42.80 -15.08
C ALA A 486 -26.48 -43.31 -16.03
N SER A 487 -26.03 -42.48 -16.98
CA SER A 487 -24.96 -42.83 -17.92
C SER A 487 -23.64 -43.03 -17.20
N CYS A 488 -23.32 -42.16 -16.23
CA CYS A 488 -22.13 -42.31 -15.43
C CYS A 488 -22.17 -43.65 -14.67
N LEU A 489 -23.35 -44.04 -14.10
CA LEU A 489 -23.43 -45.30 -13.36
C LEU A 489 -23.16 -46.48 -14.28
N ARG A 490 -23.68 -46.45 -15.51
CA ARG A 490 -23.43 -47.57 -16.44
C ARG A 490 -21.95 -47.65 -16.80
N LYS A 491 -21.33 -46.51 -17.08
CA LYS A 491 -19.92 -46.41 -17.43
C LYS A 491 -19.01 -46.99 -16.34
N LEU A 492 -19.29 -46.65 -15.07
CA LEU A 492 -18.46 -47.08 -13.94
C LEU A 492 -18.88 -48.41 -13.33
N GLY A 493 -20.02 -48.96 -13.77
CA GLY A 493 -20.54 -50.18 -13.18
C GLY A 493 -21.05 -49.95 -11.77
N VAL A 494 -21.72 -48.81 -11.57
CA VAL A 494 -22.34 -48.47 -10.28
C VAL A 494 -23.75 -49.06 -10.37
N PRO A 495 -24.27 -49.73 -9.32
CA PRO A 495 -25.66 -50.22 -9.38
C PRO A 495 -26.65 -49.10 -9.73
N PRO A 496 -27.75 -49.45 -10.44
CA PRO A 496 -28.72 -48.41 -10.85
C PRO A 496 -29.45 -47.74 -9.68
N LEU A 497 -30.05 -46.59 -9.93
CA LEU A 497 -30.75 -45.81 -8.91
C LEU A 497 -31.82 -46.60 -8.16
N ARG A 498 -32.53 -47.56 -8.83
CA ARG A 498 -33.50 -48.41 -8.11
C ARG A 498 -32.86 -49.19 -6.96
N THR A 499 -31.62 -49.67 -7.15
CA THR A 499 -30.89 -50.40 -6.13
C THR A 499 -30.55 -49.44 -4.99
N TRP A 500 -30.13 -48.21 -5.32
CA TRP A 500 -29.83 -47.19 -4.30
C TRP A 500 -31.07 -46.85 -3.49
N ARG A 501 -32.24 -46.75 -4.13
CA ARG A 501 -33.47 -46.49 -3.37
C ARG A 501 -33.74 -47.65 -2.36
N HIS A 502 -33.56 -48.92 -2.80
CA HIS A 502 -33.75 -50.08 -1.90
C HIS A 502 -32.81 -50.01 -0.72
N ARG A 503 -31.53 -49.74 -1.00
CA ARG A 503 -30.51 -49.67 0.05
C ARG A 503 -30.81 -48.52 1.00
N ALA A 504 -31.32 -47.38 0.47
CA ALA A 504 -31.62 -46.22 1.31
C ALA A 504 -32.77 -46.52 2.26
N ARG A 505 -33.79 -47.21 1.76
CA ARG A 505 -34.94 -47.58 2.62
C ARG A 505 -34.48 -48.45 3.79
N SER A 506 -33.51 -49.35 3.53
CA SER A 506 -32.95 -50.19 4.56
C SER A 506 -32.17 -49.40 5.61
N VAL A 507 -31.20 -48.58 5.18
CA VAL A 507 -30.42 -47.80 6.16
C VAL A 507 -31.30 -46.77 6.88
N ARG A 508 -32.28 -46.20 6.18
CA ARG A 508 -33.23 -45.23 6.79
C ARG A 508 -33.95 -45.87 7.98
N ALA A 509 -34.47 -47.10 7.80
CA ALA A 509 -35.18 -47.81 8.87
C ALA A 509 -34.27 -48.06 10.06
N LYS A 510 -33.00 -48.45 9.82
CA LYS A 510 -32.03 -48.67 10.88
C LYS A 510 -31.70 -47.39 11.61
N LEU A 511 -31.49 -46.28 10.88
CA LEU A 511 -31.23 -44.97 11.48
C LEU A 511 -32.39 -44.52 12.38
N LEU A 512 -33.62 -44.62 11.89
CA LEU A 512 -34.81 -44.25 12.67
C LEU A 512 -34.92 -45.06 13.98
N SER A 513 -34.56 -46.37 13.91
CA SER A 513 -34.64 -47.27 15.06
C SER A 513 -33.65 -46.91 16.16
N GLN A 514 -32.54 -46.25 15.79
CA GLN A 514 -31.53 -45.83 16.77
C GLN A 514 -31.91 -44.60 17.61
N GLY A 515 -32.89 -43.81 17.14
CA GLY A 515 -33.30 -42.57 17.79
C GLY A 515 -32.18 -41.54 17.70
N GLY A 516 -32.28 -40.49 18.51
CA GLY A 516 -31.27 -39.44 18.61
C GLY A 516 -30.84 -38.83 17.29
N ARG A 517 -29.53 -38.53 17.16
CA ARG A 517 -29.00 -37.92 15.93
C ARG A 517 -29.15 -38.84 14.71
N ALA A 518 -28.95 -40.17 14.89
CA ALA A 518 -29.14 -41.12 13.79
C ALA A 518 -30.57 -41.03 13.22
N ALA A 519 -31.61 -40.92 14.09
CA ALA A 519 -32.98 -40.78 13.62
C ALA A 519 -33.20 -39.49 12.85
N ILE A 520 -32.48 -38.39 13.23
CA ILE A 520 -32.58 -37.12 12.48
C ILE A 520 -32.02 -37.37 11.08
N CYS A 521 -30.91 -38.12 10.97
CA CYS A 521 -30.35 -38.47 9.66
C CYS A 521 -31.34 -39.29 8.86
N GLY A 522 -31.99 -40.28 9.47
CA GLY A 522 -32.98 -41.07 8.76
C GLY A 522 -34.13 -40.21 8.25
N ARG A 523 -34.66 -39.32 9.11
CA ARG A 523 -35.78 -38.47 8.76
C ARG A 523 -35.47 -37.48 7.61
N TYR A 524 -34.39 -36.68 7.74
CA TYR A 524 -34.09 -35.64 6.78
C TYR A 524 -33.33 -36.13 5.57
N LEU A 525 -32.24 -36.89 5.77
CA LEU A 525 -31.42 -37.30 4.62
C LEU A 525 -32.09 -38.28 3.68
N PHE A 526 -32.99 -39.13 4.21
CA PHE A 526 -33.60 -40.19 3.41
C PHE A 526 -35.10 -40.08 3.24
N ASN A 527 -35.68 -38.88 3.41
CA ASN A 527 -37.13 -38.68 3.19
C ASN A 527 -37.49 -38.93 1.71
N TRP A 528 -36.50 -38.77 0.81
CA TRP A 528 -36.70 -38.99 -0.62
C TRP A 528 -37.02 -40.43 -0.96
N ALA A 529 -36.58 -41.37 -0.12
CA ALA A 529 -36.65 -42.81 -0.35
C ALA A 529 -38.01 -43.41 -0.03
N VAL A 530 -38.91 -42.63 0.55
CA VAL A 530 -40.22 -43.18 0.93
C VAL A 530 -41.38 -42.34 0.38
N ARG A 531 -42.56 -42.98 0.21
CA ARG A 531 -43.76 -42.27 -0.20
C ARG A 531 -44.38 -41.60 1.03
N THR A 532 -44.26 -42.23 2.20
CA THR A 532 -44.85 -41.72 3.47
C THR A 532 -43.85 -40.75 4.09
N LYS A 533 -43.84 -39.51 3.58
CA LYS A 533 -42.90 -38.46 4.02
C LYS A 533 -43.08 -38.08 5.47
N LEU A 534 -41.98 -37.90 6.16
CA LEU A 534 -41.98 -37.38 7.53
C LEU A 534 -41.93 -35.85 7.43
N LYS A 535 -42.49 -35.18 8.42
CA LYS A 535 -42.55 -33.72 8.41
C LYS A 535 -41.15 -33.17 8.69
N LEU A 536 -40.68 -32.25 7.82
CA LEU A 536 -39.33 -31.69 8.00
C LEU A 536 -39.43 -30.26 8.50
N THR A 537 -39.07 -30.03 9.72
CA THR A 537 -39.09 -28.69 10.32
C THR A 537 -37.65 -28.26 10.55
N PRO A 538 -37.38 -26.94 10.82
CA PRO A 538 -35.98 -26.53 11.07
C PRO A 538 -35.36 -27.28 12.24
N ILE A 539 -34.14 -27.79 12.02
CA ILE A 539 -33.43 -28.56 13.06
C ILE A 539 -32.89 -27.57 14.09
N PRO A 540 -33.22 -27.71 15.41
CA PRO A 540 -32.72 -26.72 16.40
C PRO A 540 -31.20 -26.49 16.36
N ALA A 541 -30.39 -27.58 16.27
CA ALA A 541 -28.92 -27.52 16.17
C ALA A 541 -28.41 -26.67 15.00
N ALA A 542 -29.22 -26.50 13.92
CA ALA A 542 -28.82 -25.71 12.75
C ALA A 542 -28.49 -24.24 13.04
N SER A 543 -29.38 -23.52 13.76
CA SER A 543 -29.14 -22.11 14.11
C SER A 543 -27.97 -21.94 15.08
N GLN A 544 -27.62 -22.99 15.84
CA GLN A 544 -26.52 -22.97 16.82
C GLN A 544 -25.14 -23.25 16.19
N LEU A 545 -25.10 -23.70 14.91
CA LEU A 545 -23.84 -24.02 14.22
C LEU A 545 -23.01 -22.79 13.98
N ASP A 546 -21.72 -22.89 14.34
CA ASP A 546 -20.75 -21.83 14.14
C ASP A 546 -20.05 -22.12 12.82
N LEU A 547 -20.55 -21.52 11.75
CA LEU A 547 -19.97 -21.70 10.42
C LEU A 547 -19.10 -20.53 10.01
N SER A 548 -18.57 -19.80 11.03
CA SER A 548 -17.64 -18.71 10.73
C SER A 548 -16.38 -19.37 10.18
N GLY A 549 -15.81 -18.77 9.15
CA GLY A 549 -14.62 -19.33 8.51
C GLY A 549 -14.93 -20.30 7.37
N TRP A 550 -16.19 -20.81 7.25
CA TRP A 550 -16.47 -21.79 6.18
C TRP A 550 -16.40 -21.23 4.74
N PHE A 551 -17.09 -20.13 4.52
CA PHE A 551 -17.16 -19.52 3.20
C PHE A 551 -16.68 -18.08 3.30
N VAL A 552 -15.41 -17.93 3.62
CA VAL A 552 -14.80 -16.60 3.75
C VAL A 552 -13.75 -16.48 2.65
N ALA A 553 -12.84 -17.44 2.58
CA ALA A 553 -11.77 -17.42 1.59
C ALA A 553 -11.34 -18.83 1.16
N GLY A 554 -10.57 -18.87 0.09
CA GLY A 554 -10.01 -20.12 -0.44
C GLY A 554 -8.64 -20.34 0.16
N TYR A 555 -8.30 -21.59 0.49
CA TYR A 555 -7.01 -21.90 1.09
C TYR A 555 -6.33 -23.09 0.43
N SER A 556 -6.75 -23.50 -0.78
CA SER A 556 -6.10 -24.69 -1.38
C SER A 556 -4.58 -24.56 -1.45
N GLY A 557 -3.88 -25.58 -0.95
CA GLY A 557 -2.43 -25.65 -0.88
C GLY A 557 -1.84 -24.87 0.31
N GLY A 558 -2.71 -24.18 1.05
CA GLY A 558 -2.32 -23.30 2.15
C GLY A 558 -2.18 -23.91 3.53
N ASP A 559 -2.35 -25.24 3.66
CA ASP A 559 -2.10 -25.95 4.92
C ASP A 559 -2.95 -25.38 6.09
N ILE A 560 -4.26 -25.20 5.84
CA ILE A 560 -5.19 -24.62 6.82
C ILE A 560 -6.14 -25.67 7.41
N TYR A 561 -6.29 -25.61 8.74
CA TYR A 561 -7.21 -26.49 9.48
C TYR A 561 -8.15 -25.55 10.23
N HIS A 562 -9.46 -25.77 10.08
CA HIS A 562 -10.46 -24.83 10.58
C HIS A 562 -11.39 -25.36 11.66
N SER A 563 -11.10 -26.53 12.21
CA SER A 563 -11.90 -27.04 13.32
C SER A 563 -11.28 -26.58 14.66
N LEU A 564 -12.11 -26.51 15.73
CA LEU A 564 -11.70 -26.07 17.07
C LEU A 564 -10.50 -26.81 17.66
N SER A 565 -9.66 -26.06 18.39
CA SER A 565 -8.48 -26.57 19.08
C SER A 565 -8.86 -26.87 20.54
N ARG A 566 -8.50 -28.07 21.02
CA ARG A 566 -8.77 -28.49 22.40
C ARG A 566 -7.83 -27.74 23.37
N ALA A 567 -8.39 -27.19 24.45
CA ALA A 567 -7.64 -26.44 25.48
C ALA A 567 -6.57 -27.33 26.16
N ARG A 568 -5.51 -26.69 26.70
CA ARG A 568 -4.43 -27.41 27.38
C ARG A 568 -4.20 -26.86 28.79
N SER B 1 6.42 7.34 24.20
CA SER B 1 7.86 7.25 24.39
C SER B 1 8.47 8.67 24.39
N MET B 2 9.67 8.80 24.94
CA MET B 2 10.38 10.08 25.00
C MET B 2 10.91 10.40 23.61
N SER B 3 10.66 11.64 23.12
CA SER B 3 11.12 12.11 21.80
C SER B 3 12.65 11.98 21.73
N TYR B 4 13.33 12.25 22.88
CA TYR B 4 14.77 12.10 23.01
C TYR B 4 15.16 11.58 24.38
N THR B 5 16.24 10.82 24.41
CA THR B 5 16.95 10.37 25.63
C THR B 5 18.35 10.97 25.46
N TRP B 6 18.92 11.51 26.53
CA TRP B 6 20.23 12.14 26.43
C TRP B 6 21.21 11.46 27.39
N THR B 7 22.48 11.44 27.04
CA THR B 7 23.53 10.80 27.85
C THR B 7 24.23 11.81 28.78
N GLY B 8 24.21 13.08 28.39
CA GLY B 8 24.93 14.13 29.11
C GLY B 8 26.05 14.67 28.24
N ALA B 9 26.43 13.92 27.17
CA ALA B 9 27.45 14.41 26.22
C ALA B 9 26.83 15.65 25.55
N LEU B 10 27.63 16.69 25.29
CA LEU B 10 27.11 17.94 24.77
C LEU B 10 26.91 17.96 23.25
N ILE B 11 26.01 18.84 22.78
CA ILE B 11 25.86 19.09 21.34
C ILE B 11 27.00 20.06 21.09
N THR B 12 28.03 19.59 20.39
CA THR B 12 29.26 20.34 20.15
C THR B 12 29.40 21.00 18.79
N PRO B 13 30.14 22.14 18.69
CA PRO B 13 30.38 22.74 17.37
C PRO B 13 31.50 21.99 16.64
N CYS B 14 31.68 22.21 15.33
CA CYS B 14 32.78 21.56 14.60
C CYS B 14 33.85 22.59 14.24
N ALA B 15 33.51 23.89 14.39
CA ALA B 15 34.36 25.05 14.13
C ALA B 15 33.88 26.21 15.03
N ALA B 16 34.65 27.32 15.08
CA ALA B 16 34.29 28.50 15.87
C ALA B 16 32.93 29.05 15.42
N GLU B 17 32.09 29.46 16.39
CA GLU B 17 30.74 29.96 16.10
C GLU B 17 30.62 31.44 16.37
N GLU B 18 30.14 32.19 15.37
CA GLU B 18 29.91 33.63 15.47
C GLU B 18 28.47 33.87 15.94
N SER B 19 28.28 34.71 16.96
CA SER B 19 26.97 35.01 17.54
C SER B 19 26.55 36.48 17.37
N LYS B 20 27.51 37.36 17.06
CA LYS B 20 27.27 38.79 16.91
C LYS B 20 27.80 39.30 15.58
N LEU B 21 27.26 40.45 15.13
CA LEU B 21 27.73 41.13 13.93
C LEU B 21 29.18 41.58 14.18
N PRO B 22 30.08 41.51 13.19
CA PRO B 22 31.46 41.94 13.44
C PRO B 22 31.57 43.46 13.64
N ILE B 23 32.62 43.89 14.38
CA ILE B 23 32.87 45.32 14.61
C ILE B 23 33.53 45.82 13.31
N ASN B 24 32.69 46.08 12.28
CA ASN B 24 33.10 46.47 10.93
C ASN B 24 32.16 47.53 10.33
N PRO B 25 32.67 48.46 9.47
CA PRO B 25 31.78 49.46 8.84
C PRO B 25 30.78 48.89 7.83
N LEU B 26 31.04 47.66 7.32
CA LEU B 26 30.15 46.99 6.36
C LEU B 26 28.92 46.46 7.10
N SER B 27 27.71 46.68 6.50
CA SER B 27 26.34 46.39 6.95
C SER B 27 25.69 47.51 7.77
N ASN B 28 26.50 48.51 8.20
CA ASN B 28 26.03 49.67 8.97
C ASN B 28 25.15 50.60 8.15
N SER B 29 25.34 50.60 6.81
CA SER B 29 24.58 51.37 5.83
C SER B 29 23.15 50.81 5.74
N LEU B 30 22.99 49.51 6.09
CA LEU B 30 21.70 48.85 6.10
C LEU B 30 21.02 48.94 7.46
N LEU B 31 21.75 48.59 8.55
CA LEU B 31 21.22 48.48 9.91
C LEU B 31 22.19 49.14 10.89
N ARG B 32 21.68 49.98 11.83
CA ARG B 32 22.53 50.65 12.83
C ARG B 32 22.55 49.96 14.19
N HIS B 33 21.40 49.38 14.63
CA HIS B 33 21.31 48.70 15.92
C HIS B 33 21.88 47.27 15.86
N HIS B 34 23.21 47.18 15.69
CA HIS B 34 23.98 45.93 15.58
C HIS B 34 23.78 44.95 16.73
N ASN B 35 23.61 45.46 17.97
CA ASN B 35 23.42 44.64 19.18
C ASN B 35 22.07 43.90 19.21
N MET B 36 21.13 44.31 18.34
CA MET B 36 19.81 43.67 18.24
C MET B 36 19.86 42.39 17.40
N VAL B 37 20.89 42.26 16.55
CA VAL B 37 21.07 41.13 15.62
C VAL B 37 21.98 40.06 16.25
N TYR B 38 21.48 38.80 16.32
CA TYR B 38 22.26 37.68 16.86
C TYR B 38 22.13 36.41 16.03
N ALA B 39 23.09 35.52 16.17
CA ALA B 39 23.07 34.21 15.51
C ALA B 39 23.08 33.17 16.62
N THR B 40 22.25 32.12 16.47
CA THR B 40 22.19 31.05 17.45
C THR B 40 23.48 30.23 17.33
N THR B 41 23.93 29.62 18.45
CA THR B 41 25.13 28.79 18.52
C THR B 41 24.82 27.57 19.39
N SER B 42 25.78 26.64 19.49
CA SER B 42 25.69 25.45 20.32
C SER B 42 25.55 25.77 21.82
N ARG B 43 25.84 27.02 22.22
CA ARG B 43 25.78 27.43 23.63
C ARG B 43 24.37 27.40 24.20
N SER B 44 23.34 27.59 23.35
CA SER B 44 21.95 27.53 23.77
C SER B 44 21.30 26.15 23.46
N ALA B 45 22.09 25.15 22.98
CA ALA B 45 21.53 23.82 22.68
C ALA B 45 20.77 23.18 23.86
N SER B 46 21.26 23.37 25.11
CA SER B 46 20.62 22.80 26.30
C SER B 46 19.19 23.31 26.49
N LEU B 47 18.94 24.61 26.19
CA LEU B 47 17.61 25.23 26.27
C LEU B 47 16.68 24.61 25.24
N ARG B 48 17.20 24.33 24.03
CA ARG B 48 16.41 23.65 22.98
C ARG B 48 16.07 22.22 23.39
N GLN B 49 17.06 21.49 23.95
CA GLN B 49 16.83 20.11 24.39
C GLN B 49 15.64 20.03 25.38
N LYS B 50 15.51 21.03 26.27
CA LYS B 50 14.41 21.04 27.25
C LYS B 50 13.06 21.22 26.56
N LYS B 51 13.01 22.06 25.52
CA LYS B 51 11.78 22.31 24.75
C LYS B 51 11.38 21.08 23.94
N VAL B 52 12.38 20.40 23.33
CA VAL B 52 12.17 19.24 22.43
C VAL B 52 11.99 17.88 23.08
N THR B 53 12.37 17.74 24.38
CA THR B 53 12.32 16.46 25.10
C THR B 53 11.04 16.29 25.93
N PHE B 54 10.15 15.40 25.48
CA PHE B 54 8.90 15.11 26.18
C PHE B 54 8.34 13.77 25.78
N ASP B 55 7.45 13.22 26.62
CA ASP B 55 6.79 11.97 26.30
C ASP B 55 5.60 12.32 25.40
N ARG B 56 5.38 11.53 24.38
CA ARG B 56 4.25 11.75 23.52
C ARG B 56 3.21 10.75 23.89
N LEU B 57 2.04 11.25 24.20
CA LEU B 57 0.90 10.42 24.47
C LEU B 57 0.07 10.64 23.22
N GLN B 58 -0.31 9.56 22.56
CA GLN B 58 -1.07 9.69 21.33
C GLN B 58 -2.21 8.72 21.35
N VAL B 59 -3.41 9.18 21.00
CA VAL B 59 -4.61 8.38 20.95
C VAL B 59 -5.25 8.56 19.58
N LEU B 60 -5.40 7.45 18.83
CA LEU B 60 -5.97 7.48 17.49
C LEU B 60 -7.40 7.04 17.51
N ASP B 61 -8.23 7.66 16.68
CA ASP B 61 -9.66 7.34 16.67
C ASP B 61 -10.17 7.00 15.28
N ASP B 62 -11.49 6.80 15.14
CA ASP B 62 -12.09 6.47 13.85
C ASP B 62 -11.90 7.54 12.80
N HIS B 63 -11.94 8.84 13.19
CA HIS B 63 -11.76 9.91 12.19
C HIS B 63 -10.36 9.82 11.58
N TYR B 64 -9.34 9.59 12.41
CA TYR B 64 -7.95 9.44 11.98
C TYR B 64 -7.83 8.23 11.01
N ARG B 65 -8.39 7.08 11.42
CA ARG B 65 -8.34 5.89 10.58
C ARG B 65 -9.05 6.07 9.24
N ASP B 66 -10.21 6.79 9.21
CA ASP B 66 -10.95 7.04 7.96
C ASP B 66 -10.16 7.91 7.03
N VAL B 67 -9.56 8.99 7.53
CA VAL B 67 -8.78 9.89 6.69
C VAL B 67 -7.57 9.15 6.15
N LEU B 68 -6.88 8.35 7.01
CA LEU B 68 -5.72 7.59 6.57
C LEU B 68 -6.07 6.69 5.37
N LYS B 69 -7.19 5.97 5.44
CA LYS B 69 -7.60 5.10 4.34
C LYS B 69 -7.91 5.89 3.08
N GLU B 70 -8.52 7.10 3.24
CA GLU B 70 -8.77 7.97 2.07
C GLU B 70 -7.44 8.40 1.39
N MET B 71 -6.43 8.73 2.21
CA MET B 71 -5.12 9.13 1.73
C MET B 71 -4.42 7.95 1.04
N LYS B 72 -4.53 6.76 1.62
CA LYS B 72 -3.88 5.55 1.04
C LYS B 72 -4.49 5.18 -0.32
N ALA B 73 -5.83 5.33 -0.46
CA ALA B 73 -6.51 5.05 -1.75
C ALA B 73 -5.93 5.93 -2.87
N LYS B 74 -5.63 7.21 -2.54
CA LYS B 74 -5.02 8.14 -3.49
C LYS B 74 -3.57 7.80 -3.73
N ALA B 75 -2.82 7.44 -2.67
CA ALA B 75 -1.41 7.06 -2.82
C ALA B 75 -1.25 5.83 -3.74
N SER B 76 -2.26 4.92 -3.74
N SER B 76 -2.25 4.91 -3.73
CA SER B 76 -2.29 3.69 -4.53
CA SER B 76 -2.24 3.69 -4.53
C SER B 76 -2.26 3.93 -6.06
C SER B 76 -2.23 3.93 -6.06
N THR B 77 -2.51 5.17 -6.50
CA THR B 77 -2.49 5.55 -7.94
C THR B 77 -1.02 5.85 -8.40
N VAL B 78 -0.09 6.01 -7.45
CA VAL B 78 1.28 6.44 -7.77
C VAL B 78 2.21 5.29 -8.22
N LYS B 79 2.99 5.53 -9.26
CA LYS B 79 4.06 4.63 -9.69
C LYS B 79 5.36 5.44 -9.53
N ALA B 80 6.22 4.99 -8.63
CA ALA B 80 7.45 5.72 -8.31
C ALA B 80 8.65 5.03 -8.94
N LYS B 81 9.57 5.82 -9.46
CA LYS B 81 10.72 5.19 -10.07
C LYS B 81 11.91 5.22 -9.12
N LEU B 82 12.79 4.25 -9.30
CA LEU B 82 14.05 4.17 -8.59
C LEU B 82 15.04 5.09 -9.37
N LEU B 83 15.69 6.03 -8.69
CA LEU B 83 16.67 6.91 -9.35
C LEU B 83 17.98 6.12 -9.52
N SER B 84 18.70 6.39 -10.61
CA SER B 84 20.03 5.79 -10.80
C SER B 84 20.98 6.51 -9.85
N ILE B 85 22.16 5.92 -9.60
CA ILE B 85 23.19 6.54 -8.79
C ILE B 85 23.53 7.92 -9.39
N GLU B 86 23.68 7.99 -10.72
CA GLU B 86 24.00 9.27 -11.37
C GLU B 86 22.95 10.36 -11.17
N GLU B 87 21.67 10.02 -11.25
CA GLU B 87 20.60 11.00 -11.02
C GLU B 87 20.61 11.50 -9.57
N ALA B 88 20.82 10.58 -8.60
CA ALA B 88 20.86 10.91 -7.17
C ALA B 88 22.08 11.79 -6.87
N CYS B 89 23.24 11.46 -7.44
CA CYS B 89 24.46 12.26 -7.30
C CYS B 89 24.28 13.71 -7.77
N LYS B 90 23.61 13.89 -8.90
CA LYS B 90 23.32 15.20 -9.51
C LYS B 90 22.40 16.06 -8.61
N LEU B 91 21.58 15.45 -7.75
CA LEU B 91 20.71 16.21 -6.83
C LEU B 91 21.45 16.64 -5.55
N THR B 92 22.71 16.23 -5.40
CA THR B 92 23.46 16.56 -4.20
C THR B 92 24.01 17.99 -4.30
N PRO B 93 23.74 18.86 -3.30
CA PRO B 93 24.35 20.21 -3.33
C PRO B 93 25.89 20.16 -3.31
N PRO B 94 26.56 21.04 -4.10
CA PRO B 94 28.04 21.08 -4.10
C PRO B 94 28.70 21.24 -2.73
N HIS B 95 28.03 21.90 -1.77
CA HIS B 95 28.58 22.09 -0.43
C HIS B 95 27.93 21.23 0.65
N SER B 96 27.26 20.14 0.22
CA SER B 96 26.68 19.19 1.16
C SER B 96 27.75 18.64 2.11
N ALA B 97 27.39 18.34 3.37
CA ALA B 97 28.35 17.87 4.37
C ALA B 97 29.08 16.62 3.89
N LYS B 98 30.43 16.65 3.94
CA LYS B 98 31.23 15.52 3.47
C LYS B 98 30.91 14.25 4.23
N SER B 99 31.23 13.13 3.61
CA SER B 99 31.03 11.85 4.25
C SER B 99 32.14 11.57 5.27
N LYS B 100 31.88 10.76 6.29
CA LYS B 100 32.93 10.34 7.20
C LYS B 100 33.83 9.30 6.49
N PHE B 101 33.40 8.81 5.29
CA PHE B 101 34.10 7.79 4.50
C PHE B 101 35.17 8.28 3.50
N GLY B 102 35.64 9.52 3.67
CA GLY B 102 36.78 10.05 2.90
C GLY B 102 36.48 10.58 1.52
N TYR B 103 35.28 11.16 1.34
CA TYR B 103 34.88 11.79 0.09
C TYR B 103 33.86 12.84 0.45
N GLY B 104 33.68 13.81 -0.42
CA GLY B 104 32.75 14.89 -0.14
C GLY B 104 31.73 15.05 -1.23
N ALA B 105 30.97 16.14 -1.18
CA ALA B 105 29.92 16.40 -2.14
C ALA B 105 30.45 16.56 -3.57
N LYS B 106 31.64 17.20 -3.76
CA LYS B 106 32.20 17.36 -5.11
C LYS B 106 32.49 15.99 -5.75
N ASP B 107 32.95 15.05 -4.92
CA ASP B 107 33.25 13.66 -5.30
C ASP B 107 31.97 12.95 -5.68
N VAL B 108 30.89 13.15 -4.90
CA VAL B 108 29.58 12.54 -5.24
C VAL B 108 29.15 13.05 -6.64
N ARG B 109 29.14 14.39 -6.83
CA ARG B 109 28.70 15.01 -8.08
C ARG B 109 29.56 14.60 -9.26
N ASN B 110 30.84 14.27 -9.02
CA ASN B 110 31.76 13.82 -10.09
C ASN B 110 31.77 12.29 -10.23
N LEU B 111 30.93 11.59 -9.44
CA LEU B 111 30.86 10.13 -9.42
C LEU B 111 32.24 9.47 -9.26
N SER B 112 33.04 9.98 -8.30
CA SER B 112 34.38 9.43 -8.01
C SER B 112 34.22 7.98 -7.56
N SER B 113 35.24 7.14 -7.83
CA SER B 113 35.16 5.73 -7.45
C SER B 113 34.90 5.53 -5.95
N ARG B 114 35.56 6.30 -5.09
CA ARG B 114 35.35 6.17 -3.65
C ARG B 114 33.90 6.53 -3.26
N ALA B 115 33.35 7.64 -3.81
CA ALA B 115 31.97 8.04 -3.49
C ALA B 115 31.01 6.92 -3.92
N VAL B 116 31.13 6.48 -5.18
CA VAL B 116 30.28 5.42 -5.75
C VAL B 116 30.42 4.11 -4.96
N ASN B 117 31.66 3.73 -4.57
CA ASN B 117 31.84 2.52 -3.76
C ASN B 117 31.05 2.62 -2.48
N HIS B 118 31.07 3.80 -1.82
CA HIS B 118 30.31 3.95 -0.57
C HIS B 118 28.81 3.88 -0.83
N ILE B 119 28.32 4.63 -1.82
CA ILE B 119 26.89 4.69 -2.15
C ILE B 119 26.39 3.26 -2.43
N ARG B 120 27.11 2.50 -3.27
CA ARG B 120 26.75 1.10 -3.57
C ARG B 120 26.72 0.23 -2.31
N SER B 121 27.71 0.40 -1.43
N SER B 121 27.72 0.39 -1.43
CA SER B 121 27.82 -0.36 -0.18
CA SER B 121 27.82 -0.36 -0.19
C SER B 121 26.66 -0.05 0.78
C SER B 121 26.65 -0.04 0.77
N VAL B 122 26.26 1.24 0.86
CA VAL B 122 25.15 1.65 1.74
C VAL B 122 23.84 1.01 1.22
N TRP B 123 23.66 1.05 -0.09
CA TRP B 123 22.47 0.51 -0.75
C TRP B 123 22.36 -0.98 -0.49
N GLU B 124 23.46 -1.74 -0.72
CA GLU B 124 23.47 -3.18 -0.44
C GLU B 124 23.16 -3.45 1.04
N ASP B 125 23.71 -2.62 1.94
CA ASP B 125 23.48 -2.79 3.37
C ASP B 125 21.99 -2.55 3.72
N LEU B 126 21.29 -1.64 2.99
CA LEU B 126 19.85 -1.44 3.23
C LEU B 126 19.09 -2.70 2.86
N LEU B 127 19.61 -3.47 1.91
CA LEU B 127 18.95 -4.74 1.53
C LEU B 127 19.34 -5.89 2.46
N GLU B 128 20.58 -5.90 2.94
CA GLU B 128 21.11 -6.97 3.79
C GLU B 128 20.76 -6.85 5.27
N ASP B 129 20.48 -5.63 5.75
CA ASP B 129 20.26 -5.40 7.18
C ASP B 129 18.98 -4.56 7.32
N THR B 130 18.00 -5.15 7.95
CA THR B 130 16.68 -4.54 8.06
C THR B 130 16.42 -3.86 9.37
N GLU B 131 17.36 -3.88 10.31
CA GLU B 131 17.09 -3.37 11.65
C GLU B 131 18.13 -2.55 12.39
N THR B 132 19.44 -2.67 12.06
CA THR B 132 20.48 -1.95 12.83
C THR B 132 20.29 -0.43 12.70
N PRO B 133 20.11 0.29 13.81
CA PRO B 133 19.89 1.75 13.70
C PRO B 133 21.06 2.40 13.00
N ILE B 134 20.75 3.32 12.08
CA ILE B 134 21.75 4.05 11.30
C ILE B 134 22.21 5.26 12.11
N ASP B 135 23.53 5.48 12.14
CA ASP B 135 24.10 6.60 12.88
C ASP B 135 23.67 7.96 12.31
N THR B 136 23.52 8.95 13.20
CA THR B 136 23.22 10.30 12.73
C THR B 136 24.09 11.27 13.52
N THR B 137 24.31 12.41 12.94
CA THR B 137 25.03 13.51 13.60
C THR B 137 23.99 14.50 14.04
N ILE B 138 24.17 15.06 15.24
CA ILE B 138 23.31 16.11 15.76
C ILE B 138 24.19 17.35 15.89
N MET B 139 23.70 18.49 15.41
CA MET B 139 24.41 19.78 15.45
C MET B 139 23.40 20.88 15.77
N ALA B 140 23.88 21.96 16.41
CA ALA B 140 23.02 23.11 16.64
C ALA B 140 23.08 23.93 15.35
N LYS B 141 21.90 24.35 14.86
CA LYS B 141 21.84 25.15 13.64
C LYS B 141 22.22 26.62 13.96
N SER B 142 22.95 27.25 13.06
CA SER B 142 23.31 28.67 13.19
C SER B 142 22.31 29.52 12.39
N GLU B 143 21.34 30.17 13.08
CA GLU B 143 20.37 31.03 12.39
C GLU B 143 20.40 32.43 13.02
N VAL B 144 20.21 33.46 12.19
CA VAL B 144 20.21 34.88 12.59
C VAL B 144 18.81 35.40 12.88
N PHE B 145 18.63 36.05 14.04
CA PHE B 145 17.36 36.66 14.43
C PHE B 145 17.61 38.05 15.02
N CYS B 146 16.53 38.81 15.22
CA CYS B 146 16.59 40.10 15.90
C CYS B 146 16.04 39.79 17.29
N VAL B 147 16.62 40.42 18.32
CA VAL B 147 16.19 40.23 19.72
C VAL B 147 14.70 40.56 19.92
N GLN B 148 14.04 39.90 20.91
CA GLN B 148 12.62 40.03 21.30
C GLN B 148 11.90 41.31 20.83
N ARG B 154 15.86 35.53 23.83
CA ARG B 154 16.65 34.98 22.75
C ARG B 154 16.13 33.60 22.35
N LYS B 155 16.08 33.32 21.04
CA LYS B 155 15.66 31.99 20.57
C LYS B 155 16.83 31.00 20.71
N PRO B 156 16.64 29.83 21.36
CA PRO B 156 17.75 28.86 21.41
C PRO B 156 17.95 28.22 20.02
N ALA B 157 19.17 27.74 19.73
CA ALA B 157 19.50 27.11 18.43
C ALA B 157 18.58 25.93 18.16
N ARG B 158 18.19 25.73 16.89
CA ARG B 158 17.41 24.56 16.51
C ARG B 158 18.42 23.42 16.37
N LEU B 159 17.98 22.17 16.56
CA LEU B 159 18.89 21.03 16.41
C LEU B 159 18.67 20.41 15.03
N ILE B 160 19.75 20.01 14.36
CA ILE B 160 19.71 19.37 13.04
C ILE B 160 20.19 17.94 13.25
N VAL B 161 19.47 16.94 12.66
CA VAL B 161 19.86 15.54 12.83
C VAL B 161 19.91 14.97 11.42
N PHE B 162 21.08 14.45 11.00
CA PHE B 162 21.23 13.95 9.65
C PHE B 162 22.15 12.74 9.53
N PRO B 163 21.88 11.83 8.56
CA PRO B 163 22.76 10.67 8.37
C PRO B 163 23.92 11.02 7.43
N ASP B 164 24.87 10.08 7.26
CA ASP B 164 26.06 10.28 6.39
C ASP B 164 25.66 10.57 4.96
N LEU B 165 26.50 11.35 4.26
CA LEU B 165 26.31 11.65 2.84
C LEU B 165 25.94 10.39 2.00
N GLY B 166 26.61 9.24 2.23
CA GLY B 166 26.32 8.02 1.46
C GLY B 166 24.87 7.57 1.62
N VAL B 167 24.37 7.68 2.85
CA VAL B 167 22.97 7.37 3.18
C VAL B 167 22.03 8.37 2.46
N ARG B 168 22.36 9.68 2.51
CA ARG B 168 21.52 10.70 1.83
C ARG B 168 21.34 10.43 0.34
N VAL B 169 22.41 9.99 -0.37
CA VAL B 169 22.32 9.66 -1.80
C VAL B 169 21.37 8.46 -2.00
N CYS B 170 21.47 7.46 -1.10
CA CYS B 170 20.58 6.28 -1.14
C CYS B 170 19.13 6.67 -0.90
N GLU B 171 18.88 7.61 0.06
CA GLU B 171 17.51 8.10 0.28
C GLU B 171 16.95 8.64 -1.07
N LYS B 172 17.76 9.41 -1.83
CA LYS B 172 17.31 9.98 -3.10
C LYS B 172 16.95 8.84 -4.06
N MET B 173 17.80 7.81 -4.18
CA MET B 173 17.49 6.71 -5.10
C MET B 173 16.16 6.05 -4.79
N ALA B 174 15.91 5.78 -3.50
CA ALA B 174 14.68 5.07 -3.11
C ALA B 174 13.45 5.95 -3.11
N LEU B 175 13.60 7.22 -2.69
CA LEU B 175 12.49 8.09 -2.33
C LEU B 175 12.33 9.45 -3.00
N TYR B 176 13.31 9.90 -3.78
CA TYR B 176 13.15 11.22 -4.39
C TYR B 176 11.87 11.31 -5.22
N ASP B 177 11.60 10.33 -6.08
CA ASP B 177 10.35 10.36 -6.87
C ASP B 177 9.07 10.29 -6.00
N VAL B 178 9.08 9.44 -4.96
CA VAL B 178 7.96 9.33 -4.01
C VAL B 178 7.70 10.71 -3.38
N VAL B 179 8.74 11.30 -2.77
CA VAL B 179 8.56 12.59 -2.07
C VAL B 179 8.21 13.76 -2.97
N SER B 180 8.50 13.64 -4.27
CA SER B 180 8.26 14.68 -5.24
C SER B 180 6.86 14.59 -5.84
N THR B 181 6.29 13.38 -5.93
CA THR B 181 5.00 13.16 -6.62
C THR B 181 3.85 12.71 -5.72
N LEU B 182 4.16 11.93 -4.69
CA LEU B 182 3.08 11.47 -3.81
C LEU B 182 2.29 12.57 -3.07
N PRO B 183 2.89 13.62 -2.46
CA PRO B 183 2.06 14.59 -1.72
C PRO B 183 0.93 15.19 -2.54
N GLN B 184 1.20 15.57 -3.80
CA GLN B 184 0.15 16.13 -4.64
C GLN B 184 -0.90 15.10 -5.00
N ALA B 185 -0.49 13.86 -5.22
CA ALA B 185 -1.44 12.77 -5.55
C ALA B 185 -2.40 12.53 -4.38
N VAL B 186 -1.90 12.62 -3.15
CA VAL B 186 -2.67 12.36 -1.94
C VAL B 186 -3.53 13.55 -1.50
N MET B 187 -2.92 14.73 -1.44
CA MET B 187 -3.53 15.94 -0.91
C MET B 187 -4.12 16.89 -1.95
N GLY B 188 -3.84 16.68 -3.22
CA GLY B 188 -4.38 17.52 -4.29
C GLY B 188 -4.07 18.99 -4.09
N SER B 189 -5.10 19.85 -4.22
CA SER B 189 -4.93 21.29 -4.10
C SER B 189 -4.47 21.78 -2.72
N SER B 190 -4.60 20.93 -1.68
CA SER B 190 -4.18 21.29 -0.33
C SER B 190 -2.66 21.28 -0.17
N TYR B 191 -1.94 20.64 -1.10
CA TYR B 191 -0.47 20.56 -1.02
C TYR B 191 0.17 21.89 -1.37
N GLY B 192 0.70 22.57 -0.37
CA GLY B 192 1.21 23.93 -0.56
C GLY B 192 2.38 24.13 -1.48
N PHE B 193 3.30 23.16 -1.55
CA PHE B 193 4.53 23.34 -2.30
C PHE B 193 4.37 23.29 -3.82
N GLN B 194 3.18 22.98 -4.31
CA GLN B 194 2.97 22.97 -5.77
C GLN B 194 2.71 24.42 -6.28
N TYR B 195 2.68 25.41 -5.38
CA TYR B 195 2.32 26.77 -5.78
C TYR B 195 3.48 27.73 -5.75
N SER B 196 3.55 28.56 -6.78
CA SER B 196 4.45 29.70 -6.79
C SER B 196 3.79 30.72 -5.80
N PRO B 197 4.47 31.82 -5.37
CA PRO B 197 3.78 32.78 -4.47
C PRO B 197 2.47 33.34 -5.08
N LYS B 198 2.44 33.67 -6.38
CA LYS B 198 1.21 34.20 -7.01
C LYS B 198 0.11 33.14 -6.98
N GLN B 199 0.51 31.87 -7.24
CA GLN B 199 -0.45 30.76 -7.22
C GLN B 199 -1.03 30.51 -5.82
N ARG B 200 -0.19 30.65 -4.78
CA ARG B 200 -0.62 30.47 -3.39
C ARG B 200 -1.66 31.54 -3.02
N VAL B 201 -1.36 32.81 -3.33
CA VAL B 201 -2.28 33.89 -3.01
C VAL B 201 -3.62 33.73 -3.79
N GLU B 202 -3.56 33.27 -5.07
CA GLU B 202 -4.75 32.98 -5.89
C GLU B 202 -5.58 31.90 -5.20
N PHE B 203 -4.93 30.81 -4.76
CA PHE B 203 -5.63 29.71 -4.07
C PHE B 203 -6.28 30.24 -2.79
N LEU B 204 -5.54 31.02 -1.99
CA LEU B 204 -6.07 31.55 -0.73
C LEU B 204 -7.27 32.48 -0.99
N VAL B 205 -7.09 33.43 -1.92
CA VAL B 205 -8.15 34.38 -2.31
C VAL B 205 -9.41 33.64 -2.84
N ASN B 206 -9.23 32.71 -3.80
CA ASN B 206 -10.35 31.95 -4.38
C ASN B 206 -11.04 31.07 -3.37
N THR B 207 -10.28 30.42 -2.46
CA THR B 207 -10.87 29.59 -1.41
C THR B 207 -11.73 30.47 -0.47
N TRP B 208 -11.20 31.64 -0.06
CA TRP B 208 -11.88 32.60 0.80
C TRP B 208 -13.19 33.08 0.18
N LYS B 209 -13.14 33.45 -1.12
CA LYS B 209 -14.29 33.91 -1.91
C LYS B 209 -15.35 32.80 -2.12
N SER B 210 -14.91 31.53 -2.22
CA SER B 210 -15.78 30.37 -2.41
C SER B 210 -16.70 30.05 -1.20
N LYS B 211 -16.47 30.69 -0.04
CA LYS B 211 -17.30 30.47 1.17
C LYS B 211 -18.38 31.54 1.29
N LYS B 212 -19.59 31.13 1.73
CA LYS B 212 -20.73 32.05 1.94
C LYS B 212 -20.33 33.06 3.03
N CYS B 213 -19.88 32.54 4.19
CA CYS B 213 -19.40 33.34 5.30
C CYS B 213 -18.06 32.73 5.77
N PRO B 214 -16.92 33.15 5.17
CA PRO B 214 -15.64 32.53 5.52
C PRO B 214 -15.08 32.82 6.91
N MET B 215 -14.40 31.81 7.46
CA MET B 215 -13.64 31.89 8.69
C MET B 215 -12.37 31.09 8.38
N GLY B 216 -11.23 31.61 8.80
CA GLY B 216 -9.96 30.92 8.60
C GLY B 216 -9.05 31.02 9.80
N PHE B 217 -8.11 30.09 9.91
CA PHE B 217 -7.16 30.11 10.99
C PHE B 217 -5.90 29.39 10.58
N SER B 218 -4.79 29.76 11.21
CA SER B 218 -3.53 29.04 11.04
C SER B 218 -3.38 28.20 12.32
N TYR B 219 -2.73 27.03 12.22
CA TYR B 219 -2.52 26.20 13.42
C TYR B 219 -1.05 25.96 13.58
N ASP B 220 -0.52 26.37 14.74
CA ASP B 220 0.89 26.21 15.02
C ASP B 220 1.08 25.05 15.99
N THR B 221 1.76 24.00 15.54
CA THR B 221 2.06 22.86 16.42
C THR B 221 3.35 23.20 17.15
N ARG B 222 3.43 22.91 18.47
CA ARG B 222 4.70 23.18 19.14
C ARG B 222 5.71 22.09 18.83
N CYS B 223 6.94 22.48 18.39
CA CYS B 223 8.07 21.58 18.13
C CYS B 223 7.59 20.38 17.30
N PHE B 224 7.01 20.65 16.12
CA PHE B 224 6.38 19.59 15.32
C PHE B 224 7.22 18.31 15.19
N ASP B 225 8.53 18.41 14.89
CA ASP B 225 9.38 17.22 14.72
C ASP B 225 9.35 16.31 15.92
N SER B 226 9.40 16.89 17.14
N SER B 226 9.42 16.89 17.13
CA SER B 226 9.38 16.13 18.39
CA SER B 226 9.42 16.12 18.38
C SER B 226 8.04 15.48 18.68
C SER B 226 8.05 15.49 18.70
N THR B 227 6.94 16.01 18.11
CA THR B 227 5.60 15.47 18.34
C THR B 227 5.35 14.24 17.45
N VAL B 228 6.16 14.09 16.40
CA VAL B 228 6.02 12.98 15.43
C VAL B 228 6.41 11.69 16.15
N THR B 229 5.47 10.75 16.23
CA THR B 229 5.72 9.48 16.94
C THR B 229 6.21 8.36 16.01
N GLU B 230 6.65 7.25 16.63
CA GLU B 230 7.07 6.06 15.87
C GLU B 230 5.85 5.62 15.04
N SER B 231 4.65 5.62 15.65
CA SER B 231 3.41 5.25 14.93
C SER B 231 3.22 6.17 13.69
N ASP B 232 3.41 7.51 13.86
CA ASP B 232 3.26 8.46 12.74
C ASP B 232 4.21 8.13 11.58
N ILE B 233 5.46 7.76 11.89
CA ILE B 233 6.49 7.46 10.89
C ILE B 233 6.15 6.14 10.16
N ARG B 234 5.64 5.16 10.90
CA ARG B 234 5.17 3.90 10.29
C ARG B 234 3.92 4.11 9.44
N VAL B 235 3.04 5.04 9.86
CA VAL B 235 1.84 5.38 9.08
C VAL B 235 2.29 6.05 7.77
N GLU B 236 3.27 6.93 7.87
CA GLU B 236 3.82 7.60 6.69
C GLU B 236 4.39 6.54 5.74
N GLU B 237 5.14 5.56 6.28
CA GLU B 237 5.66 4.47 5.44
C GLU B 237 4.51 3.67 4.79
N SER B 238 3.40 3.44 5.55
CA SER B 238 2.25 2.71 4.99
C SER B 238 1.70 3.41 3.76
N ILE B 239 1.78 4.75 3.72
CA ILE B 239 1.36 5.54 2.57
C ILE B 239 2.35 5.33 1.40
N TYR B 240 3.66 5.46 1.67
CA TYR B 240 4.68 5.23 0.62
C TYR B 240 4.57 3.84 0.03
N GLN B 241 4.22 2.84 0.88
CA GLN B 241 4.14 1.44 0.43
C GLN B 241 2.98 1.18 -0.53
N CYS B 242 2.01 2.12 -0.66
CA CYS B 242 0.92 1.98 -1.62
C CYS B 242 1.43 2.28 -3.05
N CYS B 243 2.60 2.92 -3.20
CA CYS B 243 3.13 3.18 -4.55
C CYS B 243 3.51 1.87 -5.20
N ASP B 244 3.53 1.86 -6.56
CA ASP B 244 4.13 0.78 -7.30
C ASP B 244 5.63 1.12 -7.17
N LEU B 245 6.41 0.18 -6.67
CA LEU B 245 7.83 0.38 -6.41
C LEU B 245 8.66 -0.78 -6.91
N ALA B 246 9.91 -0.47 -7.29
CA ALA B 246 10.87 -1.52 -7.63
C ALA B 246 11.13 -2.30 -6.32
N PRO B 247 11.34 -3.63 -6.39
CA PRO B 247 11.54 -4.42 -5.16
C PRO B 247 12.65 -3.89 -4.24
N GLU B 248 13.81 -3.47 -4.82
CA GLU B 248 14.88 -2.92 -3.98
C GLU B 248 14.50 -1.60 -3.38
N ALA B 249 13.68 -0.80 -4.10
CA ALA B 249 13.17 0.47 -3.55
C ALA B 249 12.22 0.15 -2.40
N ARG B 250 11.37 -0.90 -2.53
CA ARG B 250 10.48 -1.27 -1.43
C ARG B 250 11.25 -1.66 -0.15
N GLN B 251 12.30 -2.47 -0.32
CA GLN B 251 13.13 -2.90 0.80
C GLN B 251 13.89 -1.68 1.36
N ALA B 252 14.43 -0.84 0.49
CA ALA B 252 15.16 0.35 0.96
C ALA B 252 14.24 1.24 1.81
N ILE B 253 12.97 1.41 1.42
CA ILE B 253 12.05 2.25 2.20
C ILE B 253 11.76 1.59 3.54
N ARG B 254 11.56 0.27 3.53
CA ARG B 254 11.29 -0.50 4.74
C ARG B 254 12.48 -0.38 5.70
N SER B 255 13.71 -0.63 5.19
CA SER B 255 14.94 -0.56 6.00
C SER B 255 15.20 0.87 6.47
N LEU B 256 15.06 1.87 5.59
CA LEU B 256 15.26 3.28 6.03
C LEU B 256 14.22 3.65 7.10
N THR B 257 12.96 3.18 6.98
CA THR B 257 11.97 3.49 8.00
C THR B 257 12.43 2.95 9.37
N GLU B 258 12.79 1.66 9.43
CA GLU B 258 13.15 1.04 10.70
C GLU B 258 14.47 1.47 11.26
N ARG B 259 15.43 1.73 10.39
CA ARG B 259 16.79 2.03 10.84
C ARG B 259 17.08 3.51 11.02
N LEU B 260 16.32 4.35 10.32
CA LEU B 260 16.63 5.77 10.27
C LEU B 260 15.45 6.64 10.62
N TYR B 261 14.35 6.51 9.89
CA TYR B 261 13.24 7.46 10.09
C TYR B 261 12.57 7.40 11.46
N ILE B 262 12.34 6.19 12.00
CA ILE B 262 11.68 6.04 13.31
C ILE B 262 12.54 6.55 14.47
N GLY B 263 13.86 6.58 14.26
CA GLY B 263 14.76 7.00 15.33
C GLY B 263 16.13 6.38 15.20
N GLY B 264 16.99 6.65 16.16
CA GLY B 264 18.35 6.14 16.10
C GLY B 264 19.29 6.91 17.01
N PRO B 265 20.54 6.45 17.09
CA PRO B 265 21.52 7.13 17.96
C PRO B 265 21.95 8.47 17.38
N LEU B 266 22.29 9.38 18.30
CA LEU B 266 22.72 10.75 18.00
C LEU B 266 24.16 10.86 18.39
N THR B 267 24.99 11.26 17.44
CA THR B 267 26.43 11.41 17.66
C THR B 267 26.79 12.88 17.51
N ASN B 268 27.58 13.44 18.44
CA ASN B 268 27.96 14.85 18.24
C ASN B 268 29.15 14.97 17.26
N SER B 269 29.63 16.21 17.00
CA SER B 269 30.76 16.45 16.08
C SER B 269 32.08 15.84 16.60
N LYS B 270 32.16 15.54 17.92
CA LYS B 270 33.35 14.95 18.55
C LYS B 270 33.32 13.41 18.48
N GLY B 271 32.25 12.83 17.92
CA GLY B 271 32.12 11.39 17.80
C GLY B 271 31.59 10.73 19.05
N GLN B 272 31.04 11.53 19.96
CA GLN B 272 30.50 11.02 21.21
C GLN B 272 29.02 10.72 21.08
N ASN B 273 28.56 9.68 21.78
CA ASN B 273 27.15 9.36 21.79
C ASN B 273 26.40 10.37 22.71
N CYS B 274 25.49 11.20 22.10
CA CYS B 274 24.67 12.22 22.79
C CYS B 274 23.37 11.70 23.32
N GLY B 275 22.89 10.64 22.70
CA GLY B 275 21.62 10.08 23.09
C GLY B 275 20.91 9.37 21.96
N TYR B 276 19.60 9.30 22.07
CA TYR B 276 18.76 8.56 21.14
C TYR B 276 17.52 9.37 20.78
N ARG B 277 17.13 9.31 19.50
CA ARG B 277 15.95 10.02 18.96
C ARG B 277 14.84 9.01 18.69
N ARG B 278 13.60 9.35 19.03
CA ARG B 278 12.41 8.54 18.76
C ARG B 278 11.34 9.43 18.12
N CYS B 279 11.79 10.41 17.35
CA CYS B 279 10.90 11.34 16.66
C CYS B 279 11.49 11.68 15.28
N ARG B 280 10.87 12.64 14.59
CA ARG B 280 11.31 13.06 13.25
C ARG B 280 12.73 13.64 13.27
N ALA B 281 13.60 13.17 12.35
CA ALA B 281 14.92 13.77 12.10
C ALA B 281 14.70 14.97 11.17
N SER B 282 15.26 16.11 11.51
CA SER B 282 15.11 17.32 10.69
C SER B 282 15.83 17.23 9.35
N GLY B 283 16.89 16.42 9.28
CA GLY B 283 17.77 16.34 8.11
C GLY B 283 17.73 15.08 7.29
N VAL B 284 16.51 14.65 6.94
CA VAL B 284 16.37 13.48 6.06
C VAL B 284 15.50 13.86 4.83
N LEU B 285 15.57 13.06 3.76
CA LEU B 285 14.80 13.39 2.57
C LEU B 285 13.30 13.46 2.80
N THR B 286 12.77 12.61 3.70
CA THR B 286 11.33 12.49 3.93
C THR B 286 10.77 13.51 4.92
N THR B 287 11.65 14.40 5.47
CA THR B 287 11.15 15.34 6.50
C THR B 287 9.97 16.18 5.98
N SER B 288 10.15 16.84 4.83
CA SER B 288 9.08 17.71 4.35
C SER B 288 7.80 16.94 4.02
N CYS B 289 7.94 15.88 3.21
CA CYS B 289 6.81 15.05 2.75
C CYS B 289 6.12 14.40 3.93
N GLY B 290 6.90 13.80 4.83
CA GLY B 290 6.37 13.15 6.03
C GLY B 290 5.63 14.13 6.92
N ASN B 291 6.26 15.31 7.18
CA ASN B 291 5.59 16.32 8.02
C ASN B 291 4.32 16.81 7.37
N THR B 292 4.34 17.04 6.04
CA THR B 292 3.14 17.51 5.34
C THR B 292 2.02 16.46 5.43
N LEU B 293 2.32 15.19 5.15
CA LEU B 293 1.30 14.15 5.18
C LEU B 293 0.75 13.97 6.60
N THR B 294 1.65 13.99 7.59
CA THR B 294 1.27 13.83 9.01
C THR B 294 0.37 14.99 9.46
N CYS B 295 0.79 16.21 9.13
CA CYS B 295 0.03 17.41 9.45
C CYS B 295 -1.36 17.39 8.79
N TYR B 296 -1.41 17.11 7.48
CA TYR B 296 -2.66 16.96 6.74
C TYR B 296 -3.58 15.89 7.35
N LEU B 297 -3.04 14.71 7.66
CA LEU B 297 -3.81 13.62 8.22
C LEU B 297 -4.41 14.03 9.57
N LYS B 298 -3.58 14.49 10.50
CA LYS B 298 -4.06 14.89 11.82
C LYS B 298 -5.07 16.03 11.74
N ALA B 299 -4.78 17.05 10.91
CA ALA B 299 -5.69 18.19 10.76
C ALA B 299 -7.00 17.84 10.10
N THR B 300 -6.98 16.96 9.07
CA THR B 300 -8.23 16.57 8.38
C THR B 300 -9.14 15.82 9.32
N ALA B 301 -8.55 14.91 10.10
CA ALA B 301 -9.27 14.12 11.09
C ALA B 301 -9.78 15.03 12.23
N ALA B 302 -8.94 15.95 12.70
CA ALA B 302 -9.34 16.90 13.77
C ALA B 302 -10.53 17.81 13.33
N CYS B 303 -10.54 18.25 12.05
N CYS B 303 -10.55 18.25 12.05
N CYS B 303 -10.55 18.25 12.05
CA CYS B 303 -11.60 19.06 11.46
CA CYS B 303 -11.64 19.06 11.48
CA CYS B 303 -11.64 19.06 11.48
C CYS B 303 -12.95 18.32 11.58
C CYS B 303 -12.96 18.32 11.60
C CYS B 303 -12.96 18.32 11.59
N ARG B 304 -12.94 16.99 11.33
CA ARG B 304 -14.12 16.13 11.42
C ARG B 304 -14.55 15.98 12.87
N ALA B 305 -13.60 15.79 13.80
CA ALA B 305 -13.89 15.67 15.25
C ALA B 305 -14.47 16.98 15.80
N ALA B 306 -13.96 18.13 15.31
CA ALA B 306 -14.36 19.48 15.72
C ALA B 306 -15.69 19.93 15.11
N LYS B 307 -16.16 19.19 14.09
CA LYS B 307 -17.37 19.47 13.32
C LYS B 307 -17.23 20.82 12.57
N LEU B 308 -16.01 21.11 12.06
CA LEU B 308 -15.79 22.31 11.27
C LEU B 308 -16.38 22.04 9.90
N GLN B 309 -17.12 23.00 9.35
CA GLN B 309 -17.86 22.83 8.08
C GLN B 309 -17.13 23.39 6.86
N ASP B 310 -17.21 22.66 5.71
CA ASP B 310 -16.69 23.05 4.40
C ASP B 310 -15.23 23.57 4.50
N CYS B 311 -14.38 22.75 5.12
CA CYS B 311 -12.96 23.00 5.35
C CYS B 311 -12.17 22.85 4.07
N THR B 312 -11.21 23.75 3.86
CA THR B 312 -10.23 23.67 2.78
C THR B 312 -8.90 23.95 3.46
N MET B 313 -7.96 23.01 3.37
CA MET B 313 -6.67 23.18 4.03
C MET B 313 -5.59 23.54 3.04
N LEU B 314 -4.52 24.19 3.51
CA LEU B 314 -3.32 24.43 2.72
C LEU B 314 -2.18 24.08 3.67
N VAL B 315 -1.44 23.00 3.34
CA VAL B 315 -0.39 22.46 4.21
C VAL B 315 0.97 22.51 3.54
N ASN B 316 2.02 22.94 4.28
CA ASN B 316 3.41 22.96 3.84
C ASN B 316 4.21 22.52 5.05
N GLY B 317 4.63 21.25 5.09
CA GLY B 317 5.35 20.73 6.25
C GLY B 317 4.48 20.80 7.49
N ASP B 318 4.97 21.50 8.56
CA ASP B 318 4.20 21.69 9.81
C ASP B 318 3.26 22.92 9.72
N ASP B 319 3.34 23.66 8.62
CA ASP B 319 2.53 24.87 8.44
C ASP B 319 1.13 24.59 7.89
N LEU B 320 0.11 24.98 8.65
CA LEU B 320 -1.26 24.70 8.35
C LEU B 320 -2.17 25.90 8.38
N VAL B 321 -2.95 26.08 7.31
CA VAL B 321 -4.00 27.10 7.26
C VAL B 321 -5.29 26.41 6.83
N VAL B 322 -6.40 26.72 7.50
CA VAL B 322 -7.70 26.14 7.24
C VAL B 322 -8.70 27.27 6.99
N ILE B 323 -9.45 27.20 5.87
CA ILE B 323 -10.49 28.18 5.55
C ILE B 323 -11.77 27.37 5.49
N CYS B 324 -12.77 27.78 6.27
CA CYS B 324 -14.02 27.05 6.34
C CYS B 324 -15.24 27.97 6.33
N GLU B 325 -16.41 27.37 6.40
CA GLU B 325 -17.71 28.01 6.45
C GLU B 325 -18.03 28.32 7.93
N SER B 326 -18.17 29.60 8.28
CA SER B 326 -18.45 30.01 9.66
C SER B 326 -19.82 29.50 10.12
N ALA B 327 -19.94 29.14 11.39
CA ALA B 327 -21.20 28.71 12.01
C ALA B 327 -21.66 29.77 13.01
N GLY B 328 -20.97 30.91 13.02
CA GLY B 328 -21.17 32.02 13.94
C GLY B 328 -19.99 32.14 14.87
N THR B 329 -19.75 33.34 15.42
CA THR B 329 -18.62 33.66 16.29
C THR B 329 -18.40 32.71 17.47
N GLN B 330 -19.46 32.46 18.28
CA GLN B 330 -19.35 31.60 19.47
C GLN B 330 -19.12 30.14 19.08
N GLU B 331 -19.87 29.66 18.06
CA GLU B 331 -19.80 28.31 17.52
C GLU B 331 -18.40 28.05 16.91
N ASP B 332 -17.82 29.05 16.19
CA ASP B 332 -16.48 28.91 15.59
C ASP B 332 -15.40 28.81 16.65
N ALA B 333 -15.51 29.62 17.73
CA ALA B 333 -14.53 29.61 18.81
C ALA B 333 -14.55 28.26 19.55
N ALA B 334 -15.75 27.65 19.68
CA ALA B 334 -15.94 26.36 20.32
C ALA B 334 -15.39 25.25 19.42
N ALA B 335 -15.62 25.39 18.10
CA ALA B 335 -15.15 24.43 17.10
C ALA B 335 -13.62 24.40 17.09
N LEU B 336 -12.97 25.57 17.21
CA LEU B 336 -11.52 25.68 17.27
C LEU B 336 -10.93 25.07 18.50
N ARG B 337 -11.61 25.23 19.66
CA ARG B 337 -11.17 24.60 20.91
C ARG B 337 -11.20 23.07 20.75
N ALA B 338 -12.27 22.51 20.11
CA ALA B 338 -12.43 21.08 19.87
C ALA B 338 -11.34 20.60 18.90
N PHE B 339 -11.04 21.41 17.86
CA PHE B 339 -9.99 21.11 16.87
C PHE B 339 -8.64 20.96 17.59
N THR B 340 -8.28 21.94 18.44
CA THR B 340 -7.04 21.95 19.22
C THR B 340 -6.95 20.72 20.15
N GLU B 341 -8.06 20.36 20.84
CA GLU B 341 -8.08 19.18 21.71
C GLU B 341 -7.84 17.89 20.88
N ALA B 342 -8.45 17.80 19.67
CA ALA B 342 -8.26 16.63 18.80
C ALA B 342 -6.82 16.52 18.31
N MET B 343 -6.23 17.66 17.88
CA MET B 343 -4.83 17.69 17.44
C MET B 343 -3.92 17.27 18.60
N THR B 344 -4.26 17.70 19.83
CA THR B 344 -3.45 17.35 21.00
C THR B 344 -3.46 15.83 21.21
N ARG B 345 -4.65 15.20 21.13
CA ARG B 345 -4.81 13.75 21.30
C ARG B 345 -3.99 13.00 20.24
N TYR B 346 -3.90 13.57 19.02
CA TYR B 346 -3.13 12.99 17.91
C TYR B 346 -1.66 13.27 18.00
N SER B 347 -1.19 13.89 19.11
CA SER B 347 0.21 14.28 19.28
C SER B 347 0.64 15.39 18.30
N ALA B 348 -0.16 16.46 18.27
CA ALA B 348 0.19 17.67 17.53
C ALA B 348 -0.32 18.83 18.41
N PRO B 349 0.20 18.94 19.66
CA PRO B 349 -0.28 20.02 20.56
C PRO B 349 0.08 21.42 20.04
N PRO B 350 -0.65 22.47 20.46
CA PRO B 350 -0.39 23.79 19.89
C PRO B 350 0.77 24.57 20.49
N GLY B 351 1.34 25.46 19.68
CA GLY B 351 2.32 26.45 20.10
C GLY B 351 1.47 27.63 20.54
N ASP B 352 1.36 28.67 19.71
CA ASP B 352 0.45 29.78 19.99
C ASP B 352 -1.00 29.25 19.79
N PRO B 353 -2.01 29.68 20.59
CA PRO B 353 -3.37 29.16 20.40
C PRO B 353 -3.99 29.64 19.07
N PRO B 354 -4.72 28.77 18.30
CA PRO B 354 -5.30 29.24 17.03
C PRO B 354 -6.45 30.22 17.25
N GLN B 355 -6.52 31.24 16.40
CA GLN B 355 -7.51 32.31 16.49
C GLN B 355 -8.40 32.34 15.25
N PRO B 356 -9.76 32.26 15.42
CA PRO B 356 -10.63 32.36 14.24
C PRO B 356 -10.50 33.75 13.63
N GLU B 357 -10.38 33.83 12.31
CA GLU B 357 -10.22 35.11 11.63
C GLU B 357 -11.28 35.26 10.56
N TYR B 358 -11.83 36.47 10.41
CA TYR B 358 -12.87 36.77 9.45
C TYR B 358 -12.40 37.76 8.38
N ASP B 359 -11.09 38.01 8.37
CA ASP B 359 -10.38 38.83 7.39
C ASP B 359 -9.17 37.98 6.94
N LEU B 360 -9.14 37.60 5.65
CA LEU B 360 -8.07 36.81 5.04
C LEU B 360 -6.68 37.38 5.30
N GLU B 361 -6.57 38.74 5.31
CA GLU B 361 -5.33 39.48 5.55
C GLU B 361 -4.80 39.34 6.98
N LEU B 362 -5.66 38.92 7.93
CA LEU B 362 -5.27 38.75 9.32
C LEU B 362 -4.73 37.35 9.64
N ILE B 363 -4.65 36.49 8.62
CA ILE B 363 -4.12 35.14 8.85
C ILE B 363 -2.63 35.14 8.49
N THR B 364 -1.78 34.66 9.39
CA THR B 364 -0.37 34.48 9.08
C THR B 364 -0.16 32.96 8.85
N SER B 365 0.30 32.55 7.65
CA SER B 365 0.57 31.15 7.25
C SER B 365 1.86 31.13 6.42
N CYS B 366 2.78 30.19 6.73
CA CYS B 366 4.13 30.13 6.16
C CYS B 366 4.84 31.46 6.39
N SER B 367 4.63 32.01 7.63
CA SER B 367 5.16 33.28 8.16
C SER B 367 4.73 34.49 7.30
N SER B 368 3.73 34.28 6.44
CA SER B 368 3.29 35.30 5.50
C SER B 368 1.81 35.64 5.65
N ASN B 369 1.45 36.82 5.16
CA ASN B 369 0.04 37.23 5.13
C ASN B 369 -0.26 37.85 3.78
N VAL B 370 -1.52 37.76 3.37
CA VAL B 370 -2.00 38.35 2.14
C VAL B 370 -2.16 39.85 2.39
N SER B 371 -1.68 40.67 1.48
CA SER B 371 -1.90 42.11 1.54
C SER B 371 -2.34 42.59 0.16
N VAL B 372 -2.75 43.85 0.05
CA VAL B 372 -3.26 44.45 -1.18
C VAL B 372 -2.46 45.68 -1.54
N ALA B 373 -2.18 45.85 -2.81
CA ALA B 373 -1.57 47.03 -3.38
C ALA B 373 -2.27 47.27 -4.73
N HIS B 374 -1.88 48.30 -5.45
CA HIS B 374 -2.46 48.61 -6.75
C HIS B 374 -1.38 48.61 -7.82
N ASP B 375 -1.67 48.11 -9.03
CA ASP B 375 -0.67 48.15 -10.09
C ASP B 375 -0.76 49.51 -10.83
N ALA B 376 0.05 49.71 -11.89
CA ALA B 376 0.12 50.94 -12.69
C ALA B 376 -1.23 51.52 -13.18
N SER B 377 -2.28 50.66 -13.24
CA SER B 377 -3.63 51.02 -13.69
C SER B 377 -4.62 51.26 -12.55
N GLY B 378 -4.20 50.98 -11.32
CA GLY B 378 -5.03 51.12 -10.12
C GLY B 378 -5.74 49.83 -9.74
N LYS B 379 -5.55 48.77 -10.54
CA LYS B 379 -6.14 47.44 -10.31
C LYS B 379 -5.55 46.83 -9.02
N ARG B 380 -6.42 46.31 -8.14
CA ARG B 380 -6.08 45.63 -6.88
C ARG B 380 -5.29 44.36 -7.20
N VAL B 381 -4.14 44.20 -6.54
CA VAL B 381 -3.26 43.04 -6.71
C VAL B 381 -3.02 42.49 -5.31
N TYR B 382 -3.32 41.19 -5.11
CA TYR B 382 -3.08 40.54 -3.83
C TYR B 382 -1.71 39.93 -3.92
N TYR B 383 -0.98 39.97 -2.81
CA TYR B 383 0.37 39.42 -2.82
C TYR B 383 0.70 38.99 -1.41
N LEU B 384 1.75 38.18 -1.27
CA LEU B 384 2.16 37.74 0.05
C LEU B 384 3.29 38.58 0.57
N THR B 385 3.16 38.99 1.84
CA THR B 385 4.21 39.74 2.48
C THR B 385 4.48 39.07 3.80
N ARG B 386 5.38 39.66 4.58
CA ARG B 386 5.70 39.17 5.91
C ARG B 386 6.36 40.27 6.69
N ASP B 387 6.43 40.10 8.01
CA ASP B 387 7.12 41.05 8.86
C ASP B 387 8.60 41.01 8.38
N PRO B 388 9.20 42.15 7.97
CA PRO B 388 10.56 42.10 7.41
C PRO B 388 11.71 42.04 8.43
N THR B 389 11.41 41.90 9.74
CA THR B 389 12.49 41.89 10.77
C THR B 389 13.57 40.83 10.51
N THR B 390 13.18 39.55 10.46
CA THR B 390 14.16 38.46 10.21
C THR B 390 14.83 38.64 8.84
N PRO B 391 14.11 38.85 7.71
CA PRO B 391 14.82 39.10 6.43
C PRO B 391 15.85 40.23 6.47
N LEU B 392 15.53 41.36 7.15
CA LEU B 392 16.47 42.48 7.26
C LEU B 392 17.66 42.16 8.18
N ALA B 393 17.42 41.47 9.32
CA ALA B 393 18.49 41.07 10.25
C ALA B 393 19.45 40.10 9.55
N ARG B 394 18.90 39.18 8.74
CA ARG B 394 19.72 38.23 7.99
C ARG B 394 20.49 38.89 6.86
N ALA B 395 19.89 39.90 6.20
CA ALA B 395 20.54 40.66 5.12
C ALA B 395 21.73 41.46 5.65
N ALA B 396 21.61 41.97 6.89
CA ALA B 396 22.68 42.70 7.57
C ALA B 396 23.83 41.73 7.87
N TRP B 397 23.48 40.52 8.37
CA TRP B 397 24.48 39.49 8.66
C TRP B 397 25.23 39.14 7.37
N GLU B 398 24.49 38.88 6.30
CA GLU B 398 25.04 38.50 4.98
C GLU B 398 25.94 39.55 4.35
N THR B 399 25.68 40.84 4.65
CA THR B 399 26.49 41.96 4.16
C THR B 399 27.85 41.96 4.87
N ALA B 400 27.86 41.75 6.20
CA ALA B 400 29.07 41.78 7.03
C ALA B 400 29.87 40.47 7.06
N ARG B 401 29.19 39.31 6.99
CA ARG B 401 29.84 37.99 7.02
C ARG B 401 29.43 37.12 5.85
N HIS B 402 30.37 36.33 5.31
CA HIS B 402 30.10 35.40 4.21
C HIS B 402 29.32 34.19 4.74
N THR B 403 28.17 33.89 4.09
CA THR B 403 27.29 32.77 4.46
C THR B 403 27.12 31.82 3.26
N PRO B 404 26.88 30.50 3.47
CA PRO B 404 26.70 29.62 2.31
C PRO B 404 25.39 29.89 1.55
N ILE B 405 24.31 30.18 2.28
CA ILE B 405 23.02 30.47 1.68
C ILE B 405 22.72 31.96 1.79
N ASN B 406 22.35 32.58 0.66
CA ASN B 406 22.02 34.01 0.60
C ASN B 406 20.53 34.17 0.82
N SER B 407 20.11 34.36 2.08
CA SER B 407 18.68 34.54 2.37
C SER B 407 18.11 35.76 1.69
N TRP B 408 18.91 36.83 1.48
CA TRP B 408 18.43 38.03 0.78
C TRP B 408 17.94 37.71 -0.63
N LEU B 409 18.63 36.83 -1.34
CA LEU B 409 18.27 36.50 -2.72
C LEU B 409 16.98 35.69 -2.76
N GLY B 410 16.85 34.70 -1.86
CA GLY B 410 15.60 33.94 -1.76
C GLY B 410 14.45 34.85 -1.39
N ASN B 411 14.71 35.83 -0.49
CA ASN B 411 13.67 36.80 -0.09
C ASN B 411 13.23 37.72 -1.23
N ILE B 412 14.17 38.17 -2.08
CA ILE B 412 13.83 39.02 -3.24
C ILE B 412 12.98 38.19 -4.18
N ILE B 413 13.38 36.93 -4.45
CA ILE B 413 12.62 36.06 -5.36
C ILE B 413 11.19 35.84 -4.84
N MET B 414 11.05 35.40 -3.58
CA MET B 414 9.77 35.05 -3.02
C MET B 414 8.88 36.21 -2.62
N TYR B 415 9.48 37.33 -2.23
CA TYR B 415 8.76 38.52 -1.78
C TYR B 415 9.00 39.73 -2.69
N ALA B 416 9.31 39.47 -3.98
CA ALA B 416 9.56 40.51 -5.00
C ALA B 416 8.48 41.63 -5.04
N PRO B 417 7.16 41.37 -4.86
CA PRO B 417 6.20 42.49 -4.94
C PRO B 417 6.15 43.36 -3.68
N THR B 418 6.84 42.95 -2.59
CA THR B 418 6.76 43.68 -1.33
C THR B 418 7.49 45.00 -1.34
N LEU B 419 6.99 45.93 -0.52
CA LEU B 419 7.57 47.27 -0.37
C LEU B 419 9.03 47.16 0.15
N TRP B 420 9.25 46.31 1.16
CA TRP B 420 10.57 46.10 1.77
C TRP B 420 11.57 45.38 0.89
N ALA B 421 11.15 44.34 0.14
CA ALA B 421 12.12 43.64 -0.71
C ALA B 421 12.55 44.51 -1.87
N ARG B 422 11.61 45.32 -2.39
CA ARG B 422 11.87 46.21 -3.53
C ARG B 422 12.69 47.42 -3.14
N MET B 423 12.29 48.09 -2.07
CA MET B 423 12.97 49.33 -1.68
C MET B 423 14.27 49.15 -0.93
N ILE B 424 14.36 48.13 -0.09
CA ILE B 424 15.55 47.87 0.72
C ILE B 424 16.43 46.77 0.16
N LEU B 425 15.92 45.54 0.07
CA LEU B 425 16.78 44.44 -0.39
C LEU B 425 17.35 44.62 -1.78
N MET B 426 16.52 44.96 -2.75
CA MET B 426 16.98 45.12 -4.13
C MET B 426 17.97 46.29 -4.19
N THR B 427 17.63 47.42 -3.53
CA THR B 427 18.52 48.58 -3.52
C THR B 427 19.89 48.25 -2.92
N HIS B 428 19.91 47.75 -1.67
CA HIS B 428 21.11 47.43 -0.92
C HIS B 428 22.00 46.42 -1.63
N PHE B 429 21.43 45.27 -2.06
CA PHE B 429 22.23 44.24 -2.71
C PHE B 429 22.70 44.56 -4.11
N PHE B 430 21.88 45.28 -4.90
CA PHE B 430 22.30 45.68 -6.24
C PHE B 430 23.44 46.71 -6.18
N SER B 431 23.47 47.59 -5.13
CA SER B 431 24.54 48.57 -4.91
C SER B 431 25.87 47.84 -4.66
N ILE B 432 25.85 46.85 -3.73
CA ILE B 432 27.02 46.02 -3.37
C ILE B 432 27.56 45.25 -4.58
N LEU B 433 26.68 44.49 -5.27
CA LEU B 433 27.05 43.69 -6.44
C LEU B 433 27.65 44.53 -7.56
N LEU B 434 27.03 45.71 -7.85
CA LEU B 434 27.51 46.67 -8.88
C LEU B 434 28.94 47.10 -8.58
N ALA B 435 29.19 47.55 -7.33
CA ALA B 435 30.50 48.03 -6.84
C ALA B 435 31.57 46.93 -6.89
N GLN B 436 31.18 45.67 -6.63
CA GLN B 436 32.07 44.51 -6.63
C GLN B 436 32.19 43.86 -7.99
N GLU B 437 31.39 44.31 -8.99
CA GLU B 437 31.34 43.79 -10.36
C GLU B 437 30.97 42.28 -10.33
N GLN B 438 29.97 41.94 -9.51
CA GLN B 438 29.52 40.56 -9.30
C GLN B 438 28.05 40.30 -9.64
N LEU B 439 27.40 41.19 -10.43
CA LEU B 439 26.01 41.03 -10.81
C LEU B 439 25.73 39.70 -11.54
N GLY B 440 26.69 39.25 -12.35
CA GLY B 440 26.56 38.02 -13.12
C GLY B 440 27.05 36.75 -12.46
N LYS B 441 27.49 36.84 -11.20
CA LYS B 441 28.01 35.71 -10.41
C LYS B 441 26.84 34.93 -9.77
N ALA B 442 26.74 33.62 -10.08
CA ALA B 442 25.70 32.72 -9.57
C ALA B 442 25.81 32.59 -8.05
N LEU B 443 24.69 32.81 -7.35
CA LEU B 443 24.71 32.74 -5.89
C LEU B 443 23.72 31.70 -5.40
N ASP B 444 24.03 31.08 -4.26
CA ASP B 444 23.18 30.06 -3.67
C ASP B 444 22.06 30.63 -2.84
N CYS B 445 20.87 30.09 -3.04
CA CYS B 445 19.67 30.45 -2.32
C CYS B 445 18.75 29.24 -2.21
N GLN B 446 17.74 29.32 -1.32
CA GLN B 446 16.83 28.20 -1.10
C GLN B 446 15.41 28.58 -1.42
N ILE B 447 14.73 27.72 -2.19
CA ILE B 447 13.33 27.89 -2.56
C ILE B 447 12.64 26.61 -2.16
N TYR B 448 11.72 26.70 -1.21
CA TYR B 448 10.97 25.52 -0.70
C TYR B 448 11.94 24.41 -0.23
N GLY B 449 13.02 24.82 0.44
CA GLY B 449 14.00 23.90 0.99
C GLY B 449 15.10 23.41 0.07
N ALA B 450 14.89 23.53 -1.26
CA ALA B 450 15.87 23.09 -2.25
C ALA B 450 16.86 24.21 -2.55
N CYS B 451 18.12 23.83 -2.84
N CYS B 451 18.11 23.83 -2.85
CA CYS B 451 19.19 24.79 -3.16
CA CYS B 451 19.19 24.76 -3.17
C CYS B 451 19.18 25.10 -4.65
C CYS B 451 19.19 25.09 -4.66
N TYR B 452 19.30 26.39 -5.00
CA TYR B 452 19.34 26.87 -6.39
C TYR B 452 20.53 27.79 -6.51
N SER B 453 21.17 27.83 -7.68
CA SER B 453 22.29 28.70 -7.96
C SER B 453 21.76 29.73 -8.96
N ILE B 454 21.55 30.97 -8.50
CA ILE B 454 20.90 31.98 -9.32
C ILE B 454 21.76 33.23 -9.48
N GLU B 455 21.80 33.73 -10.72
CA GLU B 455 22.54 34.96 -11.03
C GLU B 455 21.62 36.14 -10.77
N PRO B 456 22.05 37.17 -9.99
CA PRO B 456 21.19 38.34 -9.75
C PRO B 456 20.67 38.99 -11.04
N LEU B 457 21.45 38.93 -12.13
CA LEU B 457 21.05 39.47 -13.44
C LEU B 457 19.82 38.81 -14.05
N ASP B 458 19.46 37.58 -13.61
CA ASP B 458 18.26 36.89 -14.13
C ASP B 458 16.99 37.20 -13.30
N LEU B 459 17.13 37.98 -12.21
CA LEU B 459 16.00 38.37 -11.35
C LEU B 459 14.77 38.93 -12.05
N PRO B 460 14.87 39.85 -13.05
CA PRO B 460 13.64 40.37 -13.69
C PRO B 460 12.75 39.30 -14.32
N GLN B 461 13.36 38.34 -15.08
CA GLN B 461 12.60 37.27 -15.73
C GLN B 461 12.01 36.32 -14.70
N ILE B 462 12.77 35.99 -13.65
CA ILE B 462 12.30 35.11 -12.57
C ILE B 462 11.08 35.75 -11.90
N ILE B 463 11.20 37.04 -11.50
CA ILE B 463 10.11 37.76 -10.84
C ILE B 463 8.85 37.82 -11.71
N GLU B 464 9.01 38.09 -13.03
CA GLU B 464 7.85 38.16 -13.90
C GLU B 464 7.08 36.84 -13.94
N ARG B 465 7.78 35.72 -14.03
CA ARG B 465 7.14 34.40 -14.07
C ARG B 465 6.49 34.04 -12.76
N LEU B 466 7.13 34.37 -11.64
CA LEU B 466 6.58 33.99 -10.35
C LEU B 466 5.45 34.90 -9.89
N HIS B 467 5.51 36.19 -10.25
CA HIS B 467 4.59 37.18 -9.69
C HIS B 467 3.80 37.97 -10.71
N GLY B 468 4.20 37.92 -11.96
CA GLY B 468 3.58 38.70 -13.02
C GLY B 468 4.22 40.08 -13.12
N LEU B 469 3.92 40.80 -14.20
CA LEU B 469 4.46 42.15 -14.44
C LEU B 469 4.13 43.15 -13.33
N SER B 470 3.00 42.98 -12.65
CA SER B 470 2.56 43.85 -11.57
C SER B 470 3.58 44.01 -10.47
N ALA B 471 4.43 42.99 -10.20
CA ALA B 471 5.48 43.07 -9.17
C ALA B 471 6.42 44.28 -9.39
N PHE B 472 6.51 44.77 -10.65
CA PHE B 472 7.36 45.92 -11.00
C PHE B 472 6.63 47.26 -10.99
N THR B 473 5.31 47.24 -10.75
CA THR B 473 4.50 48.47 -10.78
C THR B 473 3.63 48.68 -9.55
N LEU B 474 3.73 47.80 -8.52
CA LEU B 474 2.92 47.97 -7.31
C LEU B 474 3.19 49.30 -6.60
N HIS B 475 2.11 49.94 -6.18
CA HIS B 475 2.14 51.20 -5.47
C HIS B 475 0.87 51.24 -4.63
N SER B 476 0.70 52.29 -3.81
CA SER B 476 -0.44 52.46 -2.90
C SER B 476 -0.62 51.22 -2.02
N TYR B 477 0.45 50.88 -1.29
CA TYR B 477 0.48 49.77 -0.36
C TYR B 477 -0.46 50.10 0.81
N SER B 478 -0.93 49.07 1.55
CA SER B 478 -1.86 49.27 2.66
C SER B 478 -1.23 50.06 3.83
N PRO B 479 -2.02 50.90 4.56
CA PRO B 479 -1.45 51.64 5.71
C PRO B 479 -0.79 50.69 6.73
N GLY B 480 -1.46 49.57 7.05
CA GLY B 480 -0.97 48.53 7.95
C GLY B 480 0.38 47.92 7.53
N GLU B 481 0.58 47.75 6.21
CA GLU B 481 1.83 47.22 5.66
C GLU B 481 2.93 48.28 5.73
N ILE B 482 2.61 49.53 5.33
CA ILE B 482 3.57 50.64 5.39
C ILE B 482 4.00 50.84 6.86
N ASN B 483 3.02 50.85 7.79
CA ASN B 483 3.26 51.02 9.24
C ASN B 483 4.19 49.92 9.76
N ARG B 484 3.90 48.64 9.42
CA ARG B 484 4.72 47.48 9.83
C ARG B 484 6.17 47.63 9.32
N VAL B 485 6.35 47.98 8.03
CA VAL B 485 7.70 48.17 7.48
C VAL B 485 8.40 49.34 8.19
N ALA B 486 7.70 50.49 8.32
CA ALA B 486 8.25 51.70 8.97
C ALA B 486 8.68 51.40 10.42
N SER B 487 7.82 50.71 11.20
CA SER B 487 8.06 50.31 12.60
C SER B 487 9.29 49.43 12.71
N CYS B 488 9.37 48.39 11.84
CA CYS B 488 10.52 47.49 11.80
C CYS B 488 11.81 48.26 11.53
N LEU B 489 11.80 49.20 10.55
CA LEU B 489 12.98 50.01 10.20
C LEU B 489 13.49 50.85 11.38
N ARG B 490 12.54 51.40 12.19
CA ARG B 490 12.85 52.18 13.39
C ARG B 490 13.39 51.27 14.49
N LYS B 491 12.81 50.05 14.66
CA LYS B 491 13.27 49.06 15.63
C LYS B 491 14.74 48.67 15.35
N LEU B 492 15.06 48.40 14.07
CA LEU B 492 16.38 47.94 13.63
C LEU B 492 17.42 49.02 13.37
N GLY B 493 16.98 50.25 13.15
CA GLY B 493 17.89 51.36 12.84
C GLY B 493 18.24 51.37 11.37
N VAL B 494 17.29 50.92 10.53
CA VAL B 494 17.44 50.90 9.07
C VAL B 494 17.07 52.28 8.56
N PRO B 495 17.83 52.91 7.62
CA PRO B 495 17.42 54.22 7.09
C PRO B 495 15.97 54.21 6.56
N PRO B 496 15.23 55.33 6.64
CA PRO B 496 13.83 55.32 6.17
C PRO B 496 13.68 55.13 4.66
N LEU B 497 12.47 54.73 4.23
CA LEU B 497 12.11 54.44 2.84
C LEU B 497 12.48 55.55 1.84
N ARG B 498 12.37 56.84 2.26
CA ARG B 498 12.75 57.98 1.40
C ARG B 498 14.25 57.94 1.06
N THR B 499 15.12 57.59 2.03
CA THR B 499 16.57 57.45 1.81
C THR B 499 16.85 56.35 0.77
N TRP B 500 16.06 55.27 0.82
CA TRP B 500 16.20 54.15 -0.11
C TRP B 500 15.90 54.53 -1.54
N ARG B 501 14.90 55.43 -1.76
CA ARG B 501 14.57 55.94 -3.10
C ARG B 501 15.78 56.63 -3.74
N HIS B 502 16.50 57.49 -2.98
CA HIS B 502 17.69 58.21 -3.45
C HIS B 502 18.76 57.22 -3.88
N ARG B 503 19.13 56.26 -2.99
CA ARG B 503 20.12 55.21 -3.25
C ARG B 503 19.72 54.41 -4.49
N ALA B 504 18.41 54.11 -4.65
CA ALA B 504 17.88 53.36 -5.79
C ALA B 504 18.01 54.08 -7.12
N ARG B 505 17.80 55.42 -7.17
CA ARG B 505 17.95 56.18 -8.41
C ARG B 505 19.37 56.10 -8.95
N SER B 506 20.36 56.13 -8.05
CA SER B 506 21.79 56.05 -8.37
C SER B 506 22.14 54.67 -8.92
N VAL B 507 21.67 53.60 -8.24
CA VAL B 507 21.89 52.19 -8.65
C VAL B 507 21.26 51.98 -10.02
N ARG B 508 20.00 52.44 -10.19
CA ARG B 508 19.26 52.34 -11.44
C ARG B 508 20.05 52.93 -12.63
N ALA B 509 20.59 54.17 -12.47
CA ALA B 509 21.36 54.85 -13.50
C ALA B 509 22.63 54.06 -13.87
N LYS B 510 23.32 53.53 -12.86
CA LYS B 510 24.53 52.72 -13.08
C LYS B 510 24.21 51.44 -13.88
N LEU B 511 23.11 50.74 -13.53
CA LEU B 511 22.67 49.53 -14.22
C LEU B 511 22.26 49.83 -15.66
N LEU B 512 21.51 50.93 -15.90
CA LEU B 512 21.06 51.31 -17.25
C LEU B 512 22.22 51.62 -18.23
N SER B 513 23.30 52.23 -17.72
CA SER B 513 24.48 52.60 -18.51
C SER B 513 25.32 51.39 -18.89
N GLN B 514 25.13 50.26 -18.17
CA GLN B 514 25.88 49.03 -18.43
C GLN B 514 25.32 48.20 -19.57
N GLY B 515 24.08 48.50 -19.99
CA GLY B 515 23.37 47.78 -21.04
C GLY B 515 23.03 46.35 -20.64
N GLY B 516 22.58 45.58 -21.63
CA GLY B 516 22.24 44.16 -21.51
C GLY B 516 21.28 43.82 -20.38
N ARG B 517 21.57 42.70 -19.67
CA ARG B 517 20.77 42.22 -18.54
C ARG B 517 20.77 43.23 -17.42
N ALA B 518 21.90 43.92 -17.18
CA ALA B 518 22.02 44.95 -16.16
C ALA B 518 21.00 46.08 -16.38
N ALA B 519 20.78 46.47 -17.65
CA ALA B 519 19.82 47.52 -18.04
C ALA B 519 18.39 47.04 -17.80
N ILE B 520 18.09 45.74 -18.06
CA ILE B 520 16.76 45.18 -17.78
C ILE B 520 16.52 45.28 -16.26
N CYS B 521 17.57 44.99 -15.44
CA CYS B 521 17.52 45.13 -13.98
C CYS B 521 17.20 46.56 -13.58
N GLY B 522 17.97 47.51 -14.13
CA GLY B 522 17.77 48.93 -13.87
C GLY B 522 16.37 49.38 -14.18
N ARG B 523 15.88 49.03 -15.38
CA ARG B 523 14.54 49.37 -15.89
C ARG B 523 13.37 48.78 -15.11
N TYR B 524 13.36 47.44 -14.91
CA TYR B 524 12.23 46.75 -14.27
C TYR B 524 12.27 46.76 -12.77
N LEU B 525 13.40 46.40 -12.15
CA LEU B 525 13.45 46.35 -10.68
C LEU B 525 13.36 47.69 -9.99
N PHE B 526 13.78 48.77 -10.68
CA PHE B 526 13.82 50.08 -10.05
C PHE B 526 12.93 51.12 -10.69
N ASN B 527 11.90 50.68 -11.44
CA ASN B 527 10.93 51.59 -12.05
C ASN B 527 10.16 52.37 -11.00
N TRP B 528 10.03 51.82 -9.78
CA TRP B 528 9.36 52.45 -8.63
C TRP B 528 10.09 53.71 -8.15
N ALA B 529 11.42 53.78 -8.37
CA ALA B 529 12.30 54.85 -7.87
C ALA B 529 12.28 56.15 -8.69
N VAL B 530 11.79 56.10 -9.93
CA VAL B 530 11.78 57.29 -10.78
C VAL B 530 10.42 57.97 -10.88
N ARG B 531 10.44 59.31 -10.98
CA ARG B 531 9.27 60.17 -11.17
C ARG B 531 8.79 59.89 -12.60
N THR B 532 9.72 60.02 -13.56
CA THR B 532 9.53 59.76 -15.00
C THR B 532 9.48 58.23 -15.20
N LYS B 533 8.31 57.64 -14.91
CA LYS B 533 8.10 56.19 -14.97
C LYS B 533 8.03 55.64 -16.38
N LEU B 534 8.75 54.54 -16.63
CA LEU B 534 8.77 53.87 -17.93
C LEU B 534 7.66 52.82 -18.02
N LYS B 535 7.13 52.63 -19.24
CA LYS B 535 6.10 51.65 -19.56
C LYS B 535 6.77 50.26 -19.62
N LEU B 536 6.36 49.35 -18.75
CA LEU B 536 6.97 48.03 -18.69
C LEU B 536 6.16 46.98 -19.42
N THR B 537 6.81 46.32 -20.38
CA THR B 537 6.22 45.29 -21.22
C THR B 537 6.82 43.91 -20.83
N PRO B 538 6.20 42.75 -21.23
CA PRO B 538 6.79 41.45 -20.86
C PRO B 538 8.25 41.27 -21.29
N ILE B 539 9.08 40.76 -20.38
CA ILE B 539 10.51 40.51 -20.61
C ILE B 539 10.64 39.28 -21.52
N PRO B 540 11.37 39.40 -22.66
CA PRO B 540 11.53 38.23 -23.55
C PRO B 540 11.98 36.94 -22.85
N ALA B 541 13.05 37.01 -22.03
CA ALA B 541 13.58 35.83 -21.32
C ALA B 541 12.63 35.16 -20.30
N ALA B 542 11.52 35.84 -19.89
CA ALA B 542 10.55 35.28 -18.94
C ALA B 542 9.89 34.01 -19.50
N SER B 543 9.41 34.07 -20.76
CA SER B 543 8.78 32.94 -21.45
C SER B 543 9.72 31.75 -21.67
N GLN B 544 11.05 32.03 -21.77
CA GLN B 544 12.12 31.06 -22.00
C GLN B 544 12.50 30.27 -20.75
N LEU B 545 12.30 30.85 -19.56
CA LEU B 545 12.69 30.25 -18.28
C LEU B 545 12.18 28.85 -18.03
N ASP B 546 13.13 27.97 -17.68
CA ASP B 546 12.84 26.59 -17.31
C ASP B 546 12.70 26.54 -15.79
N LEU B 547 11.46 26.62 -15.30
CA LEU B 547 11.15 26.57 -13.87
C LEU B 547 10.44 25.24 -13.50
N SER B 548 10.71 24.16 -14.30
CA SER B 548 10.10 22.81 -14.19
C SER B 548 9.89 22.24 -12.78
N GLY B 549 10.96 22.21 -11.99
CA GLY B 549 10.94 21.67 -10.62
C GLY B 549 10.97 22.71 -9.53
N TRP B 550 10.63 23.97 -9.84
CA TRP B 550 10.65 25.04 -8.81
C TRP B 550 9.60 24.91 -7.71
N PHE B 551 8.37 24.71 -8.13
CA PHE B 551 7.22 24.64 -7.24
C PHE B 551 6.51 23.33 -7.49
N VAL B 552 7.19 22.25 -7.15
CA VAL B 552 6.62 20.91 -7.29
C VAL B 552 6.49 20.32 -5.90
N ALA B 553 7.57 20.38 -5.10
CA ALA B 553 7.51 19.79 -3.76
C ALA B 553 8.46 20.51 -2.80
N GLY B 554 8.28 20.26 -1.50
CA GLY B 554 9.14 20.84 -0.49
C GLY B 554 10.26 19.88 -0.17
N TYR B 555 11.45 20.42 0.11
CA TYR B 555 12.62 19.56 0.39
C TYR B 555 13.40 20.03 1.59
N SER B 556 12.79 20.82 2.49
CA SER B 556 13.55 21.33 3.65
C SER B 556 14.20 20.19 4.44
N GLY B 557 15.52 20.30 4.63
CA GLY B 557 16.33 19.31 5.34
C GLY B 557 16.73 18.11 4.49
N GLY B 558 16.17 18.01 3.27
CA GLY B 558 16.35 16.90 2.34
C GLY B 558 17.61 16.87 1.48
N ASP B 559 18.50 17.88 1.62
CA ASP B 559 19.79 17.88 0.91
C ASP B 559 19.59 17.85 -0.64
N ILE B 560 18.71 18.72 -1.14
CA ILE B 560 18.41 18.76 -2.57
C ILE B 560 18.97 20.01 -3.24
N TYR B 561 19.51 19.81 -4.45
CA TYR B 561 20.06 20.88 -5.25
C TYR B 561 19.44 20.76 -6.62
N HIS B 562 18.80 21.85 -7.09
CA HIS B 562 18.12 21.78 -8.37
C HIS B 562 18.85 22.41 -9.53
N SER B 563 19.68 23.44 -9.27
CA SER B 563 20.42 24.08 -10.36
C SER B 563 21.46 23.18 -11.03
C10 08E C . -17.49 -24.38 -6.02
C9 08E C . -18.82 -24.80 -6.11
C21 08E C . -12.55 -23.40 -6.89
C2 08E C . -18.34 -26.81 -4.82
C25 08E C . -13.68 -25.48 -7.40
C22 08E C . -11.67 -23.71 -7.90
C4 08E C . -16.99 -26.41 -4.71
C8 08E C . -15.84 -26.95 -4.08
C20 08E C . -13.58 -24.30 -6.63
C5 08E C . -16.61 -25.21 -5.32
C3 08E C . -19.23 -25.99 -5.53
C7 08E C . -14.76 -26.09 -4.31
C24 08E C . -12.74 -25.71 -8.40
C18 08E C . -16.41 -30.50 -2.89
C17 08E C . -16.43 -29.31 -3.71
C19 08E C . -15.78 -30.48 -1.70
C1 08E C . -15.84 -28.16 -3.31
C15 08E C . -15.17 -28.14 -1.95
C11 08E C . -13.35 -26.13 -3.92
C12 08E C . -14.51 -23.91 -5.52
N23 08E C . -11.74 -24.84 -8.66
N6 08E C . -15.27 -25.06 -5.06
N16 08E C . -15.19 -29.32 -1.25
N27 08E C . -12.82 -26.86 -9.19
O28 08E C . -14.64 -27.10 -1.49
O13 08E C . -12.69 -25.18 -3.54
O14 08E C . -12.86 -27.38 -3.88
CL2 08E C . -20.90 -26.47 -5.64
P PO4 D . -43.65 -46.18 1.50
O1 PO4 D . -42.65 -45.75 0.32
O2 PO4 D . -43.88 -45.11 2.59
O3 PO4 D . -43.16 -47.42 2.21
O4 PO4 D . -45.05 -46.54 0.77
C10 08E E . 5.54 30.28 1.43
C9 08E E . 5.14 31.54 0.94
C21 08E E . 6.72 26.27 4.34
C2 08E E . 7.47 32.24 0.74
C25 08E E . 7.33 28.57 4.81
C22 08E E . 6.78 26.04 5.71
C4 08E E . 7.89 30.99 1.22
C8 08E E . 9.15 30.39 1.47
C20 08E E . 7.00 27.55 3.89
C5 08E E . 6.92 30.05 1.54
C3 08E E . 6.11 32.49 0.60
C7 08E E . 8.95 29.10 1.93
C24 08E E . 7.36 28.25 6.17
C18 08E E . 11.97 32.88 1.40
C17 08E E . 10.69 32.27 1.67
C19 08E E . 12.89 32.21 0.69
C1 08E E . 10.40 31.02 1.23
C15 08E E . 11.44 30.28 0.45
C11 08E E . 9.85 28.01 2.33
C12 08E E . 6.89 27.74 2.39
N23 08E E . 7.09 26.99 6.63
N6 08E E . 7.58 28.94 1.96
N16 08E E . 12.63 30.95 0.23
N27 08E E . 7.67 29.22 7.12
O28 08E E . 11.23 29.15 0.01
O13 08E E . 10.96 28.46 2.97
O14 08E E . 9.69 26.83 2.10
CL2 08E E . 5.62 34.02 -0.01
#